data_2AO9
#
_entry.id   2AO9
#
_cell.length_a   114.016
_cell.length_b   150.481
_cell.length_c   99.975
_cell.angle_alpha   90.00
_cell.angle_beta   90.00
_cell.angle_gamma   90.00
#
_symmetry.space_group_name_H-M   'P 21 21 2'
#
loop_
_entity.id
_entity.type
_entity.pdbx_description
1 polymer 'Phage protein'
2 water water
#
_entity_poly.entity_id   1
_entity_poly.type   'polypeptide(L)'
_entity_poly.pdbx_seq_one_letter_code
;MPFSISGRKGSEMMAKLDELKQKLTAKQIQAAYLLVENELMESNNEEKRTQDEMANELGINRTTLWEWRTKNQDFIAFKS
EVADSFLAEKREQVYSKLMQLILGPQPSVKAMQLYMQRFGLLTDKKVIEGDLGNATRTNAEIEEQLQKLKKLTGE
;
_entity_poly.pdbx_strand_id   A,B,C,D,E,F,G,H,I
#
# COMPACT_ATOMS: atom_id res chain seq x y z
N MET A 13 15.85 -21.21 -18.44
CA MET A 13 16.05 -22.13 -17.28
C MET A 13 16.93 -23.33 -17.65
N MET A 14 16.89 -23.71 -18.93
CA MET A 14 17.72 -24.80 -19.45
C MET A 14 19.22 -24.47 -19.30
N ALA A 15 19.60 -23.28 -19.78
CA ALA A 15 21.00 -22.84 -19.76
C ALA A 15 21.48 -22.52 -18.34
N LYS A 16 20.57 -22.01 -17.51
CA LYS A 16 20.90 -21.64 -16.14
C LYS A 16 21.20 -22.86 -15.26
N LEU A 17 20.39 -23.91 -15.40
CA LEU A 17 20.62 -25.17 -14.71
C LEU A 17 21.87 -25.88 -15.22
N ASP A 18 22.11 -25.77 -16.53
CA ASP A 18 23.32 -26.33 -17.16
C ASP A 18 24.60 -25.67 -16.63
N GLU A 19 24.56 -24.35 -16.47
CA GLU A 19 25.68 -23.57 -15.97
C GLU A 19 26.01 -23.91 -14.51
N LEU A 20 24.98 -24.04 -13.68
CA LEU A 20 25.15 -24.39 -12.26
C LEU A 20 25.50 -25.87 -12.05
N LYS A 21 25.15 -26.71 -13.03
CA LYS A 21 25.49 -28.14 -13.01
C LYS A 21 26.99 -28.43 -13.13
N GLN A 22 27.71 -27.57 -13.87
CA GLN A 22 29.12 -27.82 -14.23
C GLN A 22 30.07 -28.02 -13.04
N LYS A 23 29.69 -27.45 -11.89
CA LYS A 23 30.57 -27.44 -10.71
C LYS A 23 30.22 -28.56 -9.71
N LEU A 24 29.28 -29.42 -10.08
CA LEU A 24 28.81 -30.46 -9.17
C LEU A 24 28.99 -31.86 -9.71
N THR A 25 29.15 -32.81 -8.80
CA THR A 25 29.23 -34.22 -9.16
C THR A 25 27.85 -34.75 -9.43
N ALA A 26 27.77 -35.93 -10.05
CA ALA A 26 26.49 -36.58 -10.30
C ALA A 26 25.74 -36.83 -9.00
N LYS A 27 26.48 -37.21 -7.96
CA LYS A 27 25.88 -37.46 -6.65
C LYS A 27 25.31 -36.18 -6.04
N GLN A 28 26.04 -35.06 -6.21
CA GLN A 28 25.59 -33.76 -5.70
C GLN A 28 24.32 -33.27 -6.42
N ILE A 29 24.23 -33.53 -7.72
CA ILE A 29 23.03 -33.18 -8.48
C ILE A 29 21.83 -34.02 -7.99
N GLN A 30 22.03 -35.33 -7.87
CA GLN A 30 21.01 -36.24 -7.32
C GLN A 30 20.52 -35.75 -5.96
N ALA A 31 21.47 -35.41 -5.08
CA ALA A 31 21.19 -34.88 -3.74
C ALA A 31 20.33 -33.62 -3.76
N ALA A 32 20.64 -32.69 -4.65
CA ALA A 32 19.84 -31.46 -4.81
C ALA A 32 18.40 -31.76 -5.21
N TYR A 33 18.22 -32.65 -6.19
CA TYR A 33 16.88 -33.08 -6.60
C TYR A 33 16.13 -33.80 -5.48
N LEU A 34 16.81 -34.67 -4.74
CA LEU A 34 16.17 -35.40 -3.65
C LEU A 34 15.64 -34.46 -2.57
N LEU A 35 16.47 -33.50 -2.18
CA LEU A 35 16.08 -32.50 -1.17
C LEU A 35 14.88 -31.68 -1.61
N VAL A 36 14.89 -31.22 -2.85
CA VAL A 36 13.74 -30.43 -3.37
C VAL A 36 12.47 -31.30 -3.48
N GLU A 37 12.61 -32.51 -4.02
CA GLU A 37 11.49 -33.47 -4.12
C GLU A 37 10.85 -33.75 -2.78
N ASN A 38 11.68 -33.86 -1.75
CA ASN A 38 11.21 -34.08 -0.39
C ASN A 38 10.28 -32.97 0.11
N GLU A 39 10.51 -31.76 -0.37
CA GLU A 39 9.73 -30.60 0.07
C GLU A 39 8.57 -30.24 -0.85
N LEU A 40 8.78 -30.45 -2.14
CA LEU A 40 7.93 -29.89 -3.19
C LEU A 40 7.23 -30.92 -4.08
N MET A 41 7.33 -32.20 -3.75
CA MET A 41 6.55 -33.15 -4.52
C MET A 41 5.59 -33.95 -3.66
N GLU A 42 4.38 -34.12 -4.22
CA GLU A 42 3.19 -34.62 -3.57
C GLU A 42 3.33 -35.98 -2.88
N GLU A 46 3.24 -40.14 4.33
CA GLU A 46 2.66 -39.69 5.60
C GLU A 46 3.52 -38.60 6.23
N GLU A 47 4.83 -38.77 6.12
CA GLU A 47 5.79 -37.78 6.58
C GLU A 47 6.91 -37.69 5.54
N LYS A 48 7.49 -36.51 5.38
CA LYS A 48 8.65 -36.36 4.51
C LYS A 48 9.86 -37.11 5.09
N ARG A 49 10.87 -37.34 4.25
CA ARG A 49 12.09 -38.04 4.67
C ARG A 49 12.93 -37.17 5.59
N THR A 50 13.61 -37.81 6.54
CA THR A 50 14.57 -37.11 7.39
C THR A 50 15.89 -36.94 6.65
N GLN A 51 16.77 -36.11 7.20
CA GLN A 51 18.10 -35.92 6.62
C GLN A 51 18.89 -37.22 6.52
N ASP A 52 18.77 -38.04 7.56
CA ASP A 52 19.49 -39.32 7.62
C ASP A 52 18.96 -40.30 6.60
N GLU A 53 17.64 -40.35 6.44
CA GLU A 53 17.02 -41.22 5.44
C GLU A 53 17.46 -40.86 4.03
N MET A 54 17.52 -39.56 3.73
CA MET A 54 18.01 -39.09 2.43
C MET A 54 19.51 -39.36 2.24
N ALA A 55 20.30 -39.10 3.29
CA ALA A 55 21.75 -39.41 3.26
C ALA A 55 21.97 -40.88 2.92
N ASN A 56 21.21 -41.77 3.58
CA ASN A 56 21.26 -43.21 3.30
C ASN A 56 20.86 -43.57 1.87
N GLU A 57 19.74 -43.01 1.41
CA GLU A 57 19.29 -43.15 0.02
C GLU A 57 20.37 -42.81 -0.99
N LEU A 58 21.11 -41.73 -0.72
CA LEU A 58 22.19 -41.27 -1.58
C LEU A 58 23.47 -42.08 -1.41
N GLY A 59 23.57 -42.82 -0.31
CA GLY A 59 24.74 -43.65 -0.01
C GLY A 59 25.91 -42.81 0.49
N ILE A 60 25.58 -41.70 1.17
CA ILE A 60 26.59 -40.80 1.71
C ILE A 60 26.40 -40.65 3.23
N ASN A 61 27.44 -40.17 3.89
CA ASN A 61 27.38 -39.92 5.33
C ASN A 61 26.57 -38.66 5.62
N ARG A 62 25.94 -38.64 6.78
CA ARG A 62 25.13 -37.50 7.23
C ARG A 62 25.94 -36.22 7.28
N THR A 63 27.22 -36.34 7.65
CA THR A 63 28.10 -35.17 7.74
C THR A 63 28.36 -34.60 6.35
N THR A 64 28.43 -35.47 5.34
CA THR A 64 28.63 -35.06 3.95
C THR A 64 27.42 -34.25 3.45
N LEU A 65 26.21 -34.75 3.68
CA LEU A 65 25.00 -34.04 3.28
C LEU A 65 24.90 -32.67 3.96
N TRP A 66 25.27 -32.59 5.25
CA TRP A 66 25.28 -31.33 5.98
C TRP A 66 26.29 -30.36 5.38
N GLU A 67 27.48 -30.89 5.06
CA GLU A 67 28.54 -30.08 4.48
C GLU A 67 28.13 -29.46 3.15
N TRP A 68 27.50 -30.26 2.30
CA TRP A 68 26.98 -29.78 1.03
C TRP A 68 25.93 -28.69 1.25
N ARG A 69 24.93 -28.97 2.08
CA ARG A 69 23.86 -27.99 2.41
C ARG A 69 24.37 -26.71 3.09
N THR A 70 25.51 -26.81 3.79
CA THR A 70 26.01 -25.70 4.61
C THR A 70 27.11 -24.89 3.95
N LYS A 71 28.06 -25.56 3.29
CA LYS A 71 29.32 -24.91 2.91
C LYS A 71 29.58 -24.79 1.41
N ASN A 72 28.95 -25.67 0.63
CA ASN A 72 29.16 -25.68 -0.81
C ASN A 72 28.18 -24.72 -1.48
N GLN A 73 28.67 -23.54 -1.84
CA GLN A 73 27.83 -22.49 -2.42
C GLN A 73 27.27 -22.84 -3.80
N ASP A 74 28.02 -23.63 -4.56
CA ASP A 74 27.57 -24.13 -5.86
C ASP A 74 26.41 -25.11 -5.71
N PHE A 75 26.47 -25.98 -4.71
CA PHE A 75 25.37 -26.89 -4.39
C PHE A 75 24.11 -26.09 -4.01
N ILE A 76 24.27 -25.17 -3.07
CA ILE A 76 23.15 -24.32 -2.59
C ILE A 76 22.51 -23.56 -3.76
N ALA A 77 23.32 -22.93 -4.60
CA ALA A 77 22.84 -22.16 -5.75
C ALA A 77 22.10 -23.03 -6.77
N PHE A 78 22.63 -24.23 -7.03
CA PHE A 78 21.95 -25.15 -7.94
C PHE A 78 20.61 -25.59 -7.36
N LYS A 79 20.63 -26.05 -6.12
CA LYS A 79 19.43 -26.52 -5.44
C LYS A 79 18.31 -25.45 -5.39
N SER A 80 18.70 -24.19 -5.25
CA SER A 80 17.75 -23.06 -5.28
C SER A 80 17.11 -22.90 -6.67
N GLU A 81 17.90 -23.12 -7.71
CA GLU A 81 17.39 -23.09 -9.07
C GLU A 81 16.44 -24.27 -9.32
N VAL A 82 16.79 -25.45 -8.80
CA VAL A 82 15.89 -26.59 -8.84
C VAL A 82 14.56 -26.28 -8.09
N ALA A 83 14.68 -25.68 -6.91
CA ALA A 83 13.51 -25.23 -6.14
C ALA A 83 12.60 -24.31 -6.95
N ASP A 84 13.19 -23.32 -7.62
CA ASP A 84 12.43 -22.40 -8.49
C ASP A 84 11.66 -23.16 -9.59
N SER A 85 12.32 -24.16 -10.17
CA SER A 85 11.71 -25.00 -11.22
C SER A 85 10.52 -25.82 -10.69
N PHE A 86 10.69 -26.48 -9.54
CA PHE A 86 9.58 -27.22 -8.92
C PHE A 86 8.42 -26.32 -8.60
N LEU A 87 8.70 -25.13 -8.07
CA LEU A 87 7.64 -24.17 -7.76
C LEU A 87 6.92 -23.68 -9.03
N ALA A 88 7.70 -23.41 -10.07
CA ALA A 88 7.15 -22.92 -11.34
C ALA A 88 6.15 -23.91 -11.94
N GLU A 89 6.47 -25.19 -11.83
CA GLU A 89 5.66 -26.25 -12.42
C GLU A 89 4.27 -26.42 -11.75
N LYS A 90 4.08 -25.82 -10.57
CA LYS A 90 2.79 -25.87 -9.87
C LYS A 90 1.72 -24.93 -10.44
N ARG A 91 2.03 -24.23 -11.54
CA ARG A 91 1.21 -23.08 -11.93
C ARG A 91 -0.30 -23.39 -12.02
N GLU A 92 -0.67 -24.47 -12.69
CA GLU A 92 -2.12 -24.76 -12.88
C GLU A 92 -2.81 -25.13 -11.57
N GLN A 93 -2.06 -25.69 -10.63
CA GLN A 93 -2.60 -25.98 -9.30
C GLN A 93 -2.91 -24.67 -8.59
N VAL A 94 -2.01 -23.69 -8.71
CA VAL A 94 -2.25 -22.37 -8.11
C VAL A 94 -3.47 -21.68 -8.78
N TYR A 95 -3.50 -21.71 -10.11
CA TYR A 95 -4.63 -21.14 -10.86
C TYR A 95 -5.97 -21.78 -10.47
N SER A 96 -5.95 -23.08 -10.19
CA SER A 96 -7.18 -23.82 -9.86
C SER A 96 -7.80 -23.29 -8.56
N LYS A 97 -6.94 -23.08 -7.56
CA LYS A 97 -7.35 -22.46 -6.29
C LYS A 97 -7.81 -21.01 -6.48
N LEU A 98 -7.09 -20.24 -7.28
CA LEU A 98 -7.52 -18.88 -7.63
C LEU A 98 -8.96 -18.86 -8.16
N MET A 99 -9.26 -19.75 -9.11
CA MET A 99 -10.60 -19.80 -9.69
C MET A 99 -11.67 -20.30 -8.73
N GLN A 100 -11.32 -21.24 -7.85
CA GLN A 100 -12.24 -21.70 -6.81
C GLN A 100 -12.64 -20.56 -5.86
N LEU A 101 -11.68 -19.71 -5.49
CA LEU A 101 -11.96 -18.50 -4.65
C LEU A 101 -12.81 -17.46 -5.36
N ILE A 102 -12.62 -17.30 -6.66
CA ILE A 102 -13.44 -16.38 -7.44
C ILE A 102 -14.88 -16.89 -7.58
N LEU A 103 -15.03 -18.17 -7.91
CA LEU A 103 -16.34 -18.71 -8.31
C LEU A 103 -17.13 -19.36 -7.18
N GLY A 104 -16.47 -19.60 -6.05
CA GLY A 104 -17.09 -20.35 -4.97
C GLY A 104 -18.13 -19.54 -4.21
N PRO A 105 -18.71 -20.13 -3.14
CA PRO A 105 -19.74 -19.45 -2.32
C PRO A 105 -19.22 -18.37 -1.36
N GLN A 106 -17.90 -18.18 -1.28
CA GLN A 106 -17.33 -17.03 -0.56
C GLN A 106 -16.37 -16.26 -1.52
N PRO A 107 -16.91 -15.69 -2.62
CA PRO A 107 -16.12 -15.14 -3.73
C PRO A 107 -15.18 -14.00 -3.31
N SER A 108 -13.91 -14.15 -3.69
CA SER A 108 -12.84 -13.27 -3.24
C SER A 108 -12.55 -12.17 -4.23
N VAL A 109 -12.82 -10.92 -3.84
CA VAL A 109 -12.52 -9.79 -4.74
C VAL A 109 -11.00 -9.62 -4.89
N LYS A 110 -10.26 -9.94 -3.83
CA LYS A 110 -8.79 -9.95 -3.95
C LYS A 110 -8.31 -10.95 -5.03
N ALA A 111 -8.92 -12.13 -5.07
CA ALA A 111 -8.56 -13.14 -6.08
C ALA A 111 -8.91 -12.61 -7.49
N MET A 112 -10.05 -11.94 -7.62
CA MET A 112 -10.45 -11.27 -8.87
C MET A 112 -9.42 -10.22 -9.29
N GLN A 113 -8.92 -9.43 -8.33
CA GLN A 113 -7.86 -8.47 -8.65
C GLN A 113 -6.61 -9.17 -9.21
N LEU A 114 -6.22 -10.29 -8.57
CA LEU A 114 -5.06 -11.04 -9.05
C LEU A 114 -5.26 -11.59 -10.47
N TYR A 115 -6.45 -12.13 -10.72
CA TYR A 115 -6.81 -12.62 -12.05
C TYR A 115 -6.62 -11.49 -13.07
N MET A 116 -7.17 -10.33 -12.75
CA MET A 116 -7.18 -9.19 -13.69
C MET A 116 -5.75 -8.63 -13.89
N GLN A 117 -4.96 -8.61 -12.82
CA GLN A 117 -3.54 -8.22 -12.95
C GLN A 117 -2.73 -9.20 -13.78
N ARG A 118 -3.08 -10.48 -13.69
CA ARG A 118 -2.37 -11.50 -14.45
C ARG A 118 -2.36 -11.16 -15.94
N PHE A 119 -3.48 -10.62 -16.43
CA PHE A 119 -3.59 -10.29 -17.85
C PHE A 119 -3.45 -8.79 -18.14
N GLY A 120 -2.98 -8.04 -17.16
CA GLY A 120 -2.73 -6.59 -17.29
C GLY A 120 -3.99 -5.83 -17.66
N LEU A 121 -5.11 -6.22 -17.06
CA LEU A 121 -6.42 -5.66 -17.37
C LEU A 121 -6.78 -4.40 -16.58
N LEU A 122 -6.00 -4.08 -15.55
CA LEU A 122 -6.29 -2.95 -14.67
C LEU A 122 -5.39 -1.75 -14.96
N THR A 123 -6.00 -0.59 -15.13
CA THR A 123 -5.29 0.64 -15.46
C THR A 123 -5.50 1.70 -14.38
N ASP A 124 -4.41 2.36 -13.98
CA ASP A 124 -4.49 3.62 -13.22
C ASP A 124 -3.99 4.76 -14.09
N LYS A 125 -4.78 5.83 -14.18
CA LYS A 125 -4.36 7.00 -14.93
C LYS A 125 -3.76 8.05 -14.02
N LYS A 126 -2.76 8.75 -14.55
CA LYS A 126 -2.05 9.80 -13.83
C LYS A 126 -1.92 11.04 -14.69
N VAL A 127 -2.14 12.20 -14.07
CA VAL A 127 -1.87 13.47 -14.71
C VAL A 127 -0.75 14.11 -13.91
N ILE A 128 0.44 14.12 -14.49
CA ILE A 128 1.65 14.60 -13.79
C ILE A 128 1.84 16.10 -14.00
N GLU A 129 2.17 16.80 -12.92
CA GLU A 129 2.42 18.23 -12.93
C GLU A 129 3.66 18.57 -12.12
N GLY A 130 4.23 19.74 -12.39
CA GLY A 130 5.37 20.25 -11.63
C GLY A 130 6.59 20.43 -12.52
N ASP A 131 7.76 20.22 -11.94
CA ASP A 131 9.01 20.23 -12.69
C ASP A 131 10.03 19.31 -12.03
N LEU A 132 10.65 18.46 -12.85
CA LEU A 132 11.65 17.47 -12.41
C LEU A 132 11.24 16.66 -11.18
N MET B 14 22.17 21.35 14.41
CA MET B 14 22.57 22.62 15.08
C MET B 14 22.41 23.83 14.14
N ALA B 15 22.65 23.61 12.85
CA ALA B 15 22.61 24.70 11.85
C ALA B 15 21.22 25.31 11.68
N LYS B 16 20.22 24.46 11.46
CA LYS B 16 18.84 24.93 11.26
C LYS B 16 18.27 25.61 12.50
N LEU B 17 18.56 25.05 13.68
CA LEU B 17 18.13 25.64 14.96
C LEU B 17 18.72 27.02 15.20
N ASP B 18 20.02 27.17 14.96
CA ASP B 18 20.71 28.46 15.15
C ASP B 18 20.21 29.52 14.16
N GLU B 19 19.98 29.10 12.92
CA GLU B 19 19.37 29.95 11.89
C GLU B 19 17.99 30.48 12.31
N LEU B 20 17.13 29.57 12.80
CA LEU B 20 15.78 29.94 13.24
C LEU B 20 15.82 30.74 14.55
N LYS B 21 16.78 30.40 15.39
CA LYS B 21 17.00 31.06 16.69
C LYS B 21 17.35 32.56 16.56
N GLN B 22 17.93 32.93 15.41
CA GLN B 22 18.38 34.30 15.13
C GLN B 22 17.26 35.34 15.17
N LYS B 23 16.07 34.93 14.76
CA LYS B 23 14.93 35.82 14.57
C LYS B 23 14.12 36.06 15.86
N LEU B 24 14.54 35.41 16.94
CA LEU B 24 13.77 35.35 18.18
C LEU B 24 14.47 36.06 19.33
N THR B 25 13.70 36.49 20.32
CA THR B 25 14.26 37.01 21.56
C THR B 25 14.69 35.87 22.47
N ALA B 26 15.45 36.20 23.51
CA ALA B 26 15.86 35.22 24.51
C ALA B 26 14.63 34.56 25.18
N LYS B 27 13.63 35.37 25.55
CA LYS B 27 12.42 34.85 26.18
C LYS B 27 11.63 33.92 25.28
N GLN B 28 11.52 34.26 24.00
CA GLN B 28 10.82 33.45 23.02
C GLN B 28 11.52 32.10 22.87
N ILE B 29 12.84 32.11 22.83
CA ILE B 29 13.60 30.85 22.74
C ILE B 29 13.33 29.96 23.97
N GLN B 30 13.40 30.59 25.15
CA GLN B 30 13.07 29.94 26.41
C GLN B 30 11.65 29.36 26.39
N ALA B 31 10.71 30.15 25.86
CA ALA B 31 9.30 29.72 25.78
C ALA B 31 9.15 28.47 24.91
N ALA B 32 9.85 28.46 23.77
CA ALA B 32 9.81 27.33 22.83
C ALA B 32 10.28 26.04 23.49
N TYR B 33 11.42 26.10 24.17
CA TYR B 33 11.91 24.94 24.91
C TYR B 33 10.96 24.48 25.99
N LEU B 34 10.37 25.42 26.72
CA LEU B 34 9.46 25.07 27.82
C LEU B 34 8.23 24.35 27.29
N LEU B 35 7.62 24.90 26.24
CA LEU B 35 6.45 24.26 25.61
C LEU B 35 6.74 22.84 25.13
N VAL B 36 7.91 22.65 24.52
CA VAL B 36 8.30 21.32 24.03
C VAL B 36 8.62 20.35 25.17
N GLU B 37 9.38 20.82 26.18
CA GLU B 37 9.70 19.99 27.35
C GLU B 37 8.44 19.49 28.05
N ASN B 38 7.42 20.35 28.13
CA ASN B 38 6.13 19.99 28.74
C ASN B 38 5.44 18.80 28.06
N GLU B 39 5.67 18.63 26.75
CA GLU B 39 5.03 17.57 25.96
C GLU B 39 5.93 16.34 25.76
N LEU B 40 7.22 16.59 25.56
CA LEU B 40 8.14 15.57 25.10
C LEU B 40 9.18 15.09 26.11
N MET B 41 9.07 15.53 27.36
CA MET B 41 10.01 15.05 28.37
C MET B 41 9.36 14.56 29.66
N GLU B 42 10.01 13.58 30.30
CA GLU B 42 9.75 13.16 31.69
C GLU B 42 8.37 12.52 31.89
N GLU B 47 0.69 17.06 27.92
CA GLU B 47 1.04 18.19 28.77
C GLU B 47 0.96 17.78 30.24
N LYS B 48 1.64 18.53 31.11
CA LYS B 48 1.51 18.40 32.57
C LYS B 48 1.31 19.78 33.22
N ARG B 49 2.14 20.75 32.84
CA ARG B 49 1.91 22.15 33.21
C ARG B 49 0.87 22.80 32.30
N THR B 50 0.10 23.73 32.85
CA THR B 50 -0.89 24.46 32.08
C THR B 50 -0.24 25.65 31.34
N GLN B 51 -0.97 26.22 30.37
CA GLN B 51 -0.51 27.43 29.67
C GLN B 51 -0.21 28.59 30.64
N ASP B 52 -1.11 28.80 31.61
CA ASP B 52 -0.93 29.84 32.64
C ASP B 52 0.32 29.61 33.49
N GLU B 53 0.52 28.36 33.94
CA GLU B 53 1.71 28.02 34.73
C GLU B 53 2.99 28.24 33.93
N MET B 54 2.96 27.92 32.64
CA MET B 54 4.16 28.15 31.81
C MET B 54 4.40 29.65 31.61
N ALA B 55 3.35 30.42 31.36
CA ALA B 55 3.46 31.88 31.30
C ALA B 55 4.04 32.46 32.60
N ASN B 56 3.52 32.01 33.75
CA ASN B 56 4.04 32.44 35.05
C ASN B 56 5.53 32.10 35.24
N GLU B 57 5.90 30.87 34.90
CA GLU B 57 7.29 30.43 34.95
C GLU B 57 8.19 31.35 34.09
N LEU B 58 7.71 31.73 32.92
CA LEU B 58 8.47 32.59 31.99
C LEU B 58 8.45 34.07 32.39
N GLY B 59 7.59 34.43 33.34
CA GLY B 59 7.43 35.82 33.74
C GLY B 59 6.86 36.70 32.63
N ILE B 60 5.93 36.14 31.87
CA ILE B 60 5.24 36.89 30.80
C ILE B 60 3.72 36.79 30.98
N ASN B 61 2.99 37.72 30.37
CA ASN B 61 1.54 37.66 30.33
C ASN B 61 1.05 36.47 29.52
N ARG B 62 -0.02 35.85 30.00
CA ARG B 62 -0.78 34.84 29.29
C ARG B 62 -1.11 35.27 27.85
N THR B 63 -1.44 36.56 27.68
CA THR B 63 -1.78 37.09 26.35
C THR B 63 -0.56 37.15 25.43
N THR B 64 0.61 37.33 26.02
CA THR B 64 1.86 37.33 25.28
C THR B 64 2.20 35.91 24.75
N LEU B 65 2.08 34.90 25.61
CA LEU B 65 2.31 33.51 25.17
C LEU B 65 1.35 33.14 24.04
N TRP B 66 0.07 33.52 24.18
CA TRP B 66 -0.95 33.32 23.12
C TRP B 66 -0.54 33.95 21.79
N GLU B 67 -0.10 35.20 21.84
CA GLU B 67 0.30 35.94 20.64
C GLU B 67 1.50 35.27 19.94
N TRP B 68 2.49 34.83 20.72
CA TRP B 68 3.63 34.12 20.17
C TRP B 68 3.21 32.81 19.47
N ARG B 69 2.36 32.04 20.14
CA ARG B 69 1.88 30.75 19.62
C ARG B 69 1.03 30.88 18.35
N THR B 70 0.29 31.98 18.22
CA THR B 70 -0.70 32.13 17.14
C THR B 70 -0.29 33.07 16.01
N LYS B 71 0.57 34.04 16.32
CA LYS B 71 0.89 35.12 15.38
C LYS B 71 2.35 35.24 14.99
N ASN B 72 3.25 34.59 15.72
CA ASN B 72 4.67 34.73 15.42
C ASN B 72 5.18 33.52 14.64
N GLN B 73 5.30 33.69 13.33
CA GLN B 73 5.72 32.62 12.43
C GLN B 73 7.13 32.12 12.71
N ASP B 74 8.00 33.04 13.14
CA ASP B 74 9.37 32.68 13.49
C ASP B 74 9.40 31.81 14.75
N PHE B 75 8.58 32.16 15.74
CA PHE B 75 8.42 31.36 16.97
C PHE B 75 7.90 29.96 16.65
N ILE B 76 6.80 29.90 15.90
CA ILE B 76 6.20 28.62 15.50
C ILE B 76 7.23 27.73 14.79
N ALA B 77 7.89 28.26 13.76
CA ALA B 77 8.92 27.50 13.04
C ALA B 77 10.05 26.98 13.95
N PHE B 78 10.53 27.82 14.86
CA PHE B 78 11.62 27.43 15.76
C PHE B 78 11.16 26.31 16.69
N LYS B 79 9.96 26.49 17.25
CA LYS B 79 9.42 25.51 18.19
C LYS B 79 9.26 24.15 17.52
N SER B 80 8.82 24.15 16.26
CA SER B 80 8.69 22.90 15.49
C SER B 80 10.04 22.21 15.29
N GLU B 81 11.09 22.99 15.05
CA GLU B 81 12.45 22.44 14.95
C GLU B 81 12.91 21.86 16.30
N VAL B 82 12.63 22.57 17.38
CA VAL B 82 12.92 22.06 18.74
C VAL B 82 12.16 20.74 19.01
N ALA B 83 10.89 20.70 18.64
CA ALA B 83 10.09 19.46 18.72
C ALA B 83 10.75 18.29 17.98
N ASP B 84 11.25 18.55 16.75
CA ASP B 84 11.97 17.53 15.97
C ASP B 84 13.20 17.01 16.72
N SER B 85 13.95 17.93 17.34
CA SER B 85 15.15 17.56 18.10
C SER B 85 14.83 16.64 19.29
N PHE B 86 13.81 17.00 20.06
CA PHE B 86 13.36 16.14 21.20
C PHE B 86 12.92 14.75 20.74
N LEU B 87 12.17 14.71 19.63
CA LEU B 87 11.71 13.45 19.06
C LEU B 87 12.88 12.58 18.59
N ALA B 88 13.86 13.20 17.91
CA ALA B 88 15.06 12.50 17.41
C ALA B 88 15.83 11.82 18.53
N GLU B 89 15.91 12.49 19.68
CA GLU B 89 16.66 11.97 20.82
C GLU B 89 16.08 10.70 21.45
N LYS B 90 14.83 10.37 21.12
CA LYS B 90 14.18 9.19 21.67
C LYS B 90 14.59 7.91 20.95
N ARG B 91 15.54 8.00 20.01
CA ARG B 91 15.77 6.88 19.09
C ARG B 91 15.93 5.51 19.75
N GLU B 92 16.82 5.40 20.74
CA GLU B 92 17.07 4.08 21.34
C GLU B 92 15.85 3.52 22.11
N GLN B 93 14.99 4.43 22.60
CA GLN B 93 13.77 4.01 23.28
C GLN B 93 12.79 3.37 22.30
N VAL B 94 12.70 3.93 21.10
CA VAL B 94 11.87 3.38 20.05
C VAL B 94 12.44 2.01 19.59
N TYR B 95 13.77 1.96 19.39
CA TYR B 95 14.43 0.72 18.99
C TYR B 95 14.18 -0.39 20.00
N SER B 96 14.22 -0.05 21.29
CA SER B 96 13.98 -1.03 22.36
C SER B 96 12.57 -1.66 22.22
N LYS B 97 11.57 -0.83 21.97
CA LYS B 97 10.19 -1.33 21.80
C LYS B 97 10.06 -2.18 20.54
N LEU B 98 10.70 -1.75 19.46
CA LEU B 98 10.74 -2.52 18.21
C LEU B 98 11.26 -3.95 18.47
N MET B 99 12.38 -4.06 19.18
CA MET B 99 12.95 -5.37 19.50
C MET B 99 12.07 -6.19 20.46
N GLN B 100 11.42 -5.53 21.40
CA GLN B 100 10.50 -6.25 22.32
C GLN B 100 9.36 -6.91 21.55
N LEU B 101 8.80 -6.21 20.57
CA LEU B 101 7.73 -6.80 19.70
C LEU B 101 8.21 -7.97 18.84
N ILE B 102 9.45 -7.86 18.38
CA ILE B 102 10.07 -8.94 17.60
C ILE B 102 10.35 -10.19 18.43
N LEU B 103 10.80 -9.99 19.67
CA LEU B 103 11.31 -11.05 20.51
C LEU B 103 10.30 -11.53 21.56
N GLY B 104 9.15 -10.87 21.64
CA GLY B 104 8.15 -11.22 22.65
C GLY B 104 7.38 -12.49 22.32
N PRO B 105 6.35 -12.79 23.12
CA PRO B 105 5.60 -14.05 22.94
C PRO B 105 4.83 -14.12 21.62
N GLN B 106 4.54 -12.96 21.03
CA GLN B 106 3.86 -12.88 19.74
C GLN B 106 4.71 -12.09 18.72
N PRO B 107 5.79 -12.72 18.21
CA PRO B 107 6.74 -12.01 17.35
C PRO B 107 6.03 -11.27 16.21
N SER B 108 6.27 -9.97 16.12
CA SER B 108 5.57 -9.09 15.17
C SER B 108 6.28 -9.05 13.81
N VAL B 109 5.63 -9.56 12.76
CA VAL B 109 6.22 -9.50 11.41
C VAL B 109 6.34 -8.06 10.88
N LYS B 110 5.36 -7.21 11.19
CA LYS B 110 5.46 -5.82 10.80
C LYS B 110 6.71 -5.17 11.45
N ALA B 111 7.00 -5.51 12.71
CA ALA B 111 8.21 -4.99 13.35
C ALA B 111 9.49 -5.51 12.67
N MET B 112 9.46 -6.79 12.29
CA MET B 112 10.57 -7.39 11.52
C MET B 112 10.76 -6.66 10.19
N GLN B 113 9.66 -6.33 9.49
CA GLN B 113 9.77 -5.57 8.24
C GLN B 113 10.48 -4.23 8.46
N LEU B 114 10.11 -3.50 9.51
CA LEU B 114 10.72 -2.19 9.83
C LEU B 114 12.23 -2.34 10.14
N TYR B 115 12.55 -3.37 10.89
CA TYR B 115 13.94 -3.69 11.20
C TYR B 115 14.75 -3.89 9.92
N MET B 116 14.23 -4.72 9.03
CA MET B 116 14.92 -5.06 7.77
C MET B 116 15.02 -3.83 6.83
N GLN B 117 13.98 -3.03 6.77
CA GLN B 117 14.01 -1.76 6.03
C GLN B 117 14.99 -0.76 6.62
N ARG B 118 15.14 -0.78 7.94
CA ARG B 118 16.10 0.12 8.61
C ARG B 118 17.51 -0.09 8.06
N PHE B 119 17.87 -1.34 7.75
CA PHE B 119 19.21 -1.67 7.26
C PHE B 119 19.26 -1.97 5.75
N GLY B 120 18.18 -1.62 5.05
CA GLY B 120 18.11 -1.77 3.59
C GLY B 120 18.28 -3.20 3.13
N LEU B 121 17.66 -4.14 3.86
CA LEU B 121 17.84 -5.57 3.60
C LEU B 121 16.84 -6.15 2.60
N LEU B 122 15.84 -5.36 2.21
CA LEU B 122 14.75 -5.82 1.35
C LEU B 122 14.85 -5.24 -0.07
N THR B 123 14.69 -6.10 -1.07
CA THR B 123 14.82 -5.72 -2.47
C THR B 123 13.67 -6.28 -3.25
N ASP B 124 13.15 -5.49 -4.18
CA ASP B 124 12.20 -5.97 -5.18
C ASP B 124 12.77 -5.74 -6.56
N LYS B 125 12.45 -6.65 -7.48
CA LYS B 125 12.67 -6.40 -8.89
C LYS B 125 11.49 -5.63 -9.45
N LYS B 126 11.78 -4.62 -10.26
CA LYS B 126 10.76 -3.87 -10.93
C LYS B 126 11.01 -4.02 -12.45
N VAL B 127 10.01 -4.50 -13.17
CA VAL B 127 10.11 -4.63 -14.63
C VAL B 127 9.20 -3.57 -15.27
N ILE B 128 9.77 -2.72 -16.10
CA ILE B 128 9.03 -1.61 -16.70
C ILE B 128 8.97 -1.76 -18.23
N GLU B 129 7.76 -1.85 -18.76
CA GLU B 129 7.50 -1.92 -20.20
C GLU B 129 6.75 -0.70 -20.69
N GLY B 130 6.83 -0.44 -22.00
CA GLY B 130 5.99 0.56 -22.64
C GLY B 130 6.68 1.88 -22.90
N ASP B 131 6.17 2.60 -23.89
CA ASP B 131 6.78 3.85 -24.38
C ASP B 131 6.36 5.10 -23.58
N MET C 14 -11.07 33.03 -7.63
CA MET C 14 -11.74 34.23 -8.20
C MET C 14 -11.88 34.13 -9.73
N ALA C 15 -10.75 33.92 -10.41
CA ALA C 15 -10.71 33.91 -11.87
C ALA C 15 -11.52 32.77 -12.51
N LYS C 16 -11.32 31.55 -12.02
CA LYS C 16 -12.05 30.40 -12.58
C LYS C 16 -13.56 30.49 -12.38
N LEU C 17 -13.96 30.92 -11.18
CA LEU C 17 -15.37 31.13 -10.87
C LEU C 17 -16.00 32.17 -11.79
N ASP C 18 -15.32 33.32 -11.95
CA ASP C 18 -15.85 34.39 -12.77
C ASP C 18 -15.91 34.04 -14.27
N GLU C 19 -14.94 33.26 -14.75
CA GLU C 19 -14.99 32.74 -16.12
C GLU C 19 -16.21 31.85 -16.39
N LEU C 20 -16.54 30.98 -15.42
CA LEU C 20 -17.71 30.11 -15.54
C LEU C 20 -19.01 30.87 -15.29
N LYS C 21 -18.94 31.85 -14.41
CA LYS C 21 -20.08 32.67 -14.03
C LYS C 21 -20.62 33.48 -15.23
N GLN C 22 -19.71 33.90 -16.12
CA GLN C 22 -20.04 34.74 -17.26
C GLN C 22 -21.04 34.11 -18.23
N LYS C 23 -21.09 32.78 -18.21
CA LYS C 23 -21.93 31.99 -19.11
C LYS C 23 -23.34 31.76 -18.58
N LEU C 24 -23.60 32.22 -17.36
CA LEU C 24 -24.88 31.98 -16.72
C LEU C 24 -25.67 33.26 -16.53
N THR C 25 -27.00 33.13 -16.40
CA THR C 25 -27.87 34.24 -16.05
C THR C 25 -27.77 34.49 -14.54
N ALA C 26 -28.20 35.68 -14.12
CA ALA C 26 -28.25 36.03 -12.71
C ALA C 26 -29.01 34.97 -11.94
N LYS C 27 -30.15 34.54 -12.51
CA LYS C 27 -30.98 33.52 -11.86
C LYS C 27 -30.31 32.15 -11.72
N GLN C 28 -29.59 31.75 -12.78
CA GLN C 28 -28.82 30.51 -12.75
C GLN C 28 -27.72 30.55 -11.70
N ILE C 29 -27.02 31.68 -11.59
CA ILE C 29 -25.99 31.84 -10.57
C ILE C 29 -26.58 31.70 -9.17
N GLN C 30 -27.69 32.40 -8.94
CA GLN C 30 -28.44 32.29 -7.69
C GLN C 30 -28.82 30.85 -7.40
N ALA C 31 -29.31 30.15 -8.43
CA ALA C 31 -29.71 28.74 -8.31
C ALA C 31 -28.54 27.83 -7.90
N ALA C 32 -27.38 28.02 -8.55
CA ALA C 32 -26.21 27.23 -8.23
C ALA C 32 -25.79 27.38 -6.76
N TYR C 33 -25.76 28.62 -6.26
CA TYR C 33 -25.44 28.88 -4.85
C TYR C 33 -26.49 28.28 -3.93
N LEU C 34 -27.76 28.35 -4.32
CA LEU C 34 -28.81 27.81 -3.47
C LEU C 34 -28.67 26.29 -3.31
N LEU C 35 -28.42 25.61 -4.42
CA LEU C 35 -28.23 24.17 -4.40
C LEU C 35 -27.04 23.75 -3.54
N VAL C 36 -25.91 24.44 -3.71
CA VAL C 36 -24.71 24.15 -2.92
C VAL C 36 -24.92 24.45 -1.42
N GLU C 37 -25.53 25.61 -1.12
CA GLU C 37 -25.84 25.96 0.28
C GLU C 37 -26.74 24.94 0.98
N ASN C 38 -27.71 24.39 0.24
CA ASN C 38 -28.62 23.35 0.76
C ASN C 38 -27.86 22.09 1.25
N GLU C 39 -26.74 21.80 0.60
CA GLU C 39 -25.94 20.61 0.91
C GLU C 39 -24.81 20.90 1.86
N LEU C 40 -24.17 22.07 1.71
CA LEU C 40 -22.92 22.33 2.40
C LEU C 40 -22.91 23.49 3.39
N MET C 41 -24.07 24.04 3.69
CA MET C 41 -24.13 24.99 4.79
C MET C 41 -25.12 24.57 5.85
N GLU C 42 -24.68 24.76 7.09
CA GLU C 42 -25.37 24.26 8.26
C GLU C 42 -26.51 25.22 8.61
N SER C 43 -27.70 24.66 8.78
CA SER C 43 -28.90 25.43 9.10
C SER C 43 -29.74 24.71 10.16
N GLU C 46 -32.85 21.84 10.12
CA GLU C 46 -33.76 20.80 10.59
C GLU C 46 -33.95 19.70 9.53
N GLU C 47 -34.39 20.10 8.35
CA GLU C 47 -34.34 19.29 7.14
C GLU C 47 -33.83 20.20 6.02
N LYS C 48 -33.11 19.61 5.06
CA LYS C 48 -32.70 20.34 3.85
C LYS C 48 -33.95 20.72 3.06
N ARG C 49 -33.81 21.67 2.15
CA ARG C 49 -34.90 22.05 1.27
C ARG C 49 -35.05 21.01 0.16
N THR C 50 -36.29 20.81 -0.27
CA THR C 50 -36.55 19.93 -1.41
C THR C 50 -36.29 20.71 -2.70
N GLN C 51 -36.24 19.99 -3.82
CA GLN C 51 -36.13 20.61 -5.15
C GLN C 51 -37.27 21.59 -5.43
N ASP C 52 -38.49 21.20 -5.09
CA ASP C 52 -39.66 22.07 -5.31
C ASP C 52 -39.60 23.32 -4.45
N GLU C 53 -39.12 23.16 -3.23
CA GLU C 53 -38.94 24.30 -2.31
C GLU C 53 -37.91 25.28 -2.85
N MET C 54 -36.81 24.77 -3.40
CA MET C 54 -35.79 25.62 -4.01
C MET C 54 -36.29 26.32 -5.29
N ALA C 55 -37.00 25.59 -6.15
CA ALA C 55 -37.57 26.20 -7.37
C ALA C 55 -38.52 27.34 -7.02
N ASN C 56 -39.36 27.12 -6.01
CA ASN C 56 -40.31 28.12 -5.53
C ASN C 56 -39.60 29.33 -4.95
N GLU C 57 -38.54 29.09 -4.19
CA GLU C 57 -37.73 30.16 -3.62
C GLU C 57 -37.05 30.99 -4.71
N LEU C 58 -36.65 30.33 -5.80
CA LEU C 58 -36.00 30.98 -6.93
C LEU C 58 -36.98 31.71 -7.85
N GLY C 59 -38.26 31.39 -7.72
CA GLY C 59 -39.29 31.94 -8.60
C GLY C 59 -39.17 31.37 -10.00
N ILE C 60 -38.89 30.09 -10.10
CA ILE C 60 -38.79 29.38 -11.38
C ILE C 60 -39.58 28.07 -11.32
N ASN C 61 -39.89 27.54 -12.49
CA ASN C 61 -40.59 26.27 -12.63
C ASN C 61 -39.73 25.13 -12.11
N ARG C 62 -40.39 24.11 -11.56
CA ARG C 62 -39.77 22.83 -11.21
C ARG C 62 -39.02 22.26 -12.41
N THR C 63 -39.64 22.38 -13.58
CA THR C 63 -39.13 21.84 -14.83
C THR C 63 -37.86 22.57 -15.28
N THR C 64 -37.76 23.87 -15.02
CA THR C 64 -36.58 24.64 -15.43
C THR C 64 -35.33 24.35 -14.58
N LEU C 65 -35.52 24.24 -13.27
CA LEU C 65 -34.44 23.80 -12.37
C LEU C 65 -33.90 22.45 -12.81
N TRP C 66 -34.79 21.52 -13.12
CA TRP C 66 -34.39 20.19 -13.62
C TRP C 66 -33.55 20.30 -14.89
N GLU C 67 -34.01 21.15 -15.82
CA GLU C 67 -33.28 21.37 -17.06
C GLU C 67 -31.87 21.89 -16.81
N TRP C 68 -31.74 22.88 -15.92
CA TRP C 68 -30.44 23.48 -15.67
C TRP C 68 -29.50 22.42 -15.08
N ARG C 69 -30.01 21.67 -14.11
CA ARG C 69 -29.24 20.60 -13.46
C ARG C 69 -28.81 19.48 -14.40
N THR C 70 -29.61 19.17 -15.42
CA THR C 70 -29.27 18.00 -16.27
C THR C 70 -28.73 18.28 -17.68
N LYS C 71 -29.17 19.36 -18.32
CA LYS C 71 -28.80 19.62 -19.70
C LYS C 71 -27.81 20.77 -19.88
N ASN C 72 -27.73 21.66 -18.90
CA ASN C 72 -26.89 22.84 -19.02
C ASN C 72 -25.50 22.58 -18.44
N GLN C 73 -24.54 22.28 -19.32
CA GLN C 73 -23.16 21.93 -18.92
C GLN C 73 -22.41 23.08 -18.27
N ASP C 74 -22.72 24.31 -18.70
CA ASP C 74 -22.14 25.49 -18.06
C ASP C 74 -22.62 25.64 -16.61
N PHE C 75 -23.90 25.38 -16.38
CA PHE C 75 -24.49 25.42 -15.03
C PHE C 75 -23.84 24.37 -14.14
N ILE C 76 -23.79 23.13 -14.65
CA ILE C 76 -23.15 22.00 -13.94
C ILE C 76 -21.72 22.34 -13.53
N ALA C 77 -20.96 22.87 -14.49
CA ALA C 77 -19.55 23.22 -14.26
C ALA C 77 -19.36 24.32 -13.22
N PHE C 78 -20.19 25.37 -13.29
CA PHE C 78 -20.13 26.46 -12.33
C PHE C 78 -20.49 25.95 -10.94
N LYS C 79 -21.59 25.22 -10.86
CA LYS C 79 -22.04 24.66 -9.58
C LYS C 79 -21.00 23.75 -8.91
N SER C 80 -20.30 22.93 -9.70
CA SER C 80 -19.19 22.12 -9.18
C SER C 80 -18.05 22.96 -8.60
N GLU C 81 -17.70 24.05 -9.28
CA GLU C 81 -16.71 24.98 -8.77
C GLU C 81 -17.15 25.67 -7.47
N VAL C 82 -18.42 26.05 -7.41
CA VAL C 82 -18.98 26.60 -6.16
C VAL C 82 -18.90 25.54 -5.04
N ALA C 83 -19.32 24.31 -5.32
CA ALA C 83 -19.19 23.22 -4.31
C ALA C 83 -17.75 23.09 -3.82
N ASP C 84 -16.76 23.18 -4.73
CA ASP C 84 -15.34 23.10 -4.34
C ASP C 84 -14.98 24.21 -3.35
N SER C 85 -15.45 25.43 -3.64
CA SER C 85 -15.15 26.59 -2.80
C SER C 85 -15.74 26.42 -1.39
N PHE C 86 -17.00 25.97 -1.33
CA PHE C 86 -17.68 25.68 -0.06
C PHE C 86 -16.93 24.60 0.75
N LEU C 87 -16.49 23.55 0.08
CA LEU C 87 -15.76 22.47 0.76
C LEU C 87 -14.40 23.00 1.25
N ALA C 88 -13.71 23.78 0.42
CA ALA C 88 -12.40 24.38 0.76
C ALA C 88 -12.47 25.24 2.03
N GLU C 89 -13.57 25.97 2.17
CA GLU C 89 -13.76 26.87 3.32
C GLU C 89 -13.88 26.13 4.67
N LYS C 90 -14.16 24.82 4.64
CA LYS C 90 -14.29 24.02 5.88
C LYS C 90 -12.96 23.62 6.54
N ARG C 91 -11.84 24.08 5.99
CA ARG C 91 -10.53 23.55 6.39
C ARG C 91 -10.31 23.46 7.90
N GLU C 92 -10.53 24.56 8.63
CA GLU C 92 -10.21 24.54 10.06
C GLU C 92 -11.12 23.55 10.81
N GLN C 93 -12.33 23.33 10.29
CA GLN C 93 -13.27 22.39 10.94
C GLN C 93 -12.76 20.96 10.81
N VAL C 94 -12.19 20.64 9.64
CA VAL C 94 -11.57 19.32 9.39
C VAL C 94 -10.33 19.16 10.28
N TYR C 95 -9.48 20.19 10.33
CA TYR C 95 -8.30 20.15 11.14
C TYR C 95 -8.64 19.95 12.63
N SER C 96 -9.73 20.56 13.09
CA SER C 96 -10.18 20.44 14.49
C SER C 96 -10.47 18.97 14.83
N LYS C 97 -11.14 18.28 13.92
CA LYS C 97 -11.44 16.86 14.12
C LYS C 97 -10.20 15.98 14.06
N LEU C 98 -9.29 16.28 13.13
CA LEU C 98 -8.00 15.58 13.07
C LEU C 98 -7.29 15.66 14.42
N MET C 99 -7.17 16.87 14.97
CA MET C 99 -6.52 17.03 16.29
C MET C 99 -7.27 16.30 17.43
N GLN C 100 -8.61 16.32 17.40
CA GLN C 100 -9.40 15.62 18.41
C GLN C 100 -9.09 14.12 18.38
N LEU C 101 -8.93 13.53 17.18
CA LEU C 101 -8.60 12.09 17.10
C LEU C 101 -7.20 11.79 17.61
N ILE C 102 -6.28 12.70 17.36
CA ILE C 102 -4.89 12.52 17.84
C ILE C 102 -4.79 12.61 19.37
N LEU C 103 -5.50 13.58 19.94
CA LEU C 103 -5.40 13.91 21.35
C LEU C 103 -6.41 13.18 22.24
N GLY C 104 -7.38 12.49 21.62
CA GLY C 104 -8.48 11.88 22.39
C GLY C 104 -8.05 10.62 23.12
N PRO C 105 -8.98 10.03 23.91
CA PRO C 105 -8.66 8.87 24.74
C PRO C 105 -8.27 7.62 23.96
N GLN C 106 -8.55 7.60 22.65
CA GLN C 106 -8.13 6.52 21.75
C GLN C 106 -7.29 7.09 20.59
N PRO C 107 -6.04 7.54 20.86
CA PRO C 107 -5.30 8.32 19.85
C PRO C 107 -5.17 7.56 18.54
N SER C 108 -5.44 8.26 17.44
CA SER C 108 -5.46 7.64 16.13
C SER C 108 -4.11 7.79 15.47
N VAL C 109 -3.41 6.67 15.28
CA VAL C 109 -2.15 6.71 14.54
C VAL C 109 -2.37 7.10 13.06
N LYS C 110 -3.53 6.74 12.50
CA LYS C 110 -3.81 7.13 11.14
C LYS C 110 -3.92 8.67 11.05
N ALA C 111 -4.55 9.28 12.05
CA ALA C 111 -4.68 10.74 12.06
C ALA C 111 -3.29 11.38 12.22
N MET C 112 -2.44 10.78 13.07
CA MET C 112 -1.03 11.20 13.18
C MET C 112 -0.31 11.11 11.84
N GLN C 113 -0.54 10.02 11.09
CA GLN C 113 0.08 9.91 9.74
C GLN C 113 -0.33 11.07 8.84
N LEU C 114 -1.63 11.38 8.82
CA LEU C 114 -2.17 12.48 8.01
C LEU C 114 -1.58 13.82 8.41
N TYR C 115 -1.52 14.06 9.72
CA TYR C 115 -0.89 15.28 10.24
C TYR C 115 0.53 15.42 9.68
N MET C 116 1.29 14.33 9.76
CA MET C 116 2.69 14.36 9.37
C MET C 116 2.84 14.49 7.85
N GLN C 117 1.95 13.82 7.09
CA GLN C 117 1.89 13.99 5.63
C GLN C 117 1.52 15.41 5.23
N ARG C 118 0.67 16.06 6.02
CA ARG C 118 0.26 17.43 5.73
C ARG C 118 1.46 18.36 5.62
N PHE C 119 2.46 18.13 6.49
CA PHE C 119 3.65 18.98 6.53
C PHE C 119 4.89 18.34 5.87
N GLY C 120 4.69 17.28 5.12
CA GLY C 120 5.78 16.62 4.37
C GLY C 120 6.88 16.09 5.28
N LEU C 121 6.48 15.53 6.41
CA LEU C 121 7.44 15.12 7.44
C LEU C 121 7.91 13.67 7.29
N LEU C 122 7.27 12.91 6.42
CA LEU C 122 7.55 11.50 6.27
C LEU C 122 8.35 11.21 5.01
N THR C 123 9.49 10.55 5.17
CA THR C 123 10.36 10.22 4.05
C THR C 123 10.39 8.72 3.81
N ASP C 124 10.34 8.34 2.53
CA ASP C 124 10.69 6.98 2.11
C ASP C 124 12.00 7.03 1.32
N LYS C 125 12.98 6.23 1.74
CA LYS C 125 14.28 6.18 1.08
C LYS C 125 14.31 5.02 0.09
N LYS C 126 14.79 5.30 -1.13
CA LYS C 126 14.87 4.28 -2.17
C LYS C 126 16.30 4.20 -2.68
N VAL C 127 16.82 2.99 -2.79
CA VAL C 127 18.11 2.77 -3.43
C VAL C 127 17.89 1.98 -4.72
N ILE C 128 18.18 2.63 -5.85
CA ILE C 128 17.83 2.12 -7.18
C ILE C 128 19.06 1.59 -7.91
N GLU C 129 18.86 0.48 -8.64
CA GLU C 129 19.88 -0.14 -9.47
C GLU C 129 19.20 -0.71 -10.70
N GLY C 130 19.96 -0.93 -11.77
CA GLY C 130 19.40 -1.51 -12.99
C GLY C 130 19.55 -0.60 -14.19
N ASP C 131 18.63 -0.71 -15.15
CA ASP C 131 18.70 0.07 -16.40
C ASP C 131 17.36 0.06 -17.16
N LEU C 132 16.60 1.14 -17.00
CA LEU C 132 15.28 1.26 -17.63
C LEU C 132 15.37 1.71 -19.09
N LYS D 23 -5.99 42.09 -0.91
CA LYS D 23 -5.80 42.21 0.56
C LYS D 23 -7.15 42.29 1.27
N LEU D 24 -7.11 42.31 2.61
CA LEU D 24 -8.29 42.26 3.42
C LEU D 24 -8.31 43.46 4.36
N THR D 25 -9.49 43.79 4.85
CA THR D 25 -9.63 44.80 5.89
C THR D 25 -9.11 44.21 7.21
N ALA D 26 -8.88 45.08 8.19
CA ALA D 26 -8.49 44.64 9.53
C ALA D 26 -9.55 43.73 10.16
N LYS D 27 -10.83 44.08 9.95
CA LYS D 27 -11.96 43.29 10.45
C LYS D 27 -12.02 41.88 9.86
N GLN D 28 -11.76 41.78 8.56
CA GLN D 28 -11.74 40.50 7.86
C GLN D 28 -10.62 39.60 8.36
N ILE D 29 -9.45 40.20 8.58
CA ILE D 29 -8.31 39.48 9.16
C ILE D 29 -8.66 38.99 10.57
N GLN D 30 -9.29 39.86 11.36
CA GLN D 30 -9.76 39.50 12.70
C GLN D 30 -10.76 38.34 12.68
N ALA D 31 -11.73 38.42 11.76
CA ALA D 31 -12.71 37.36 11.56
C ALA D 31 -12.04 36.02 11.23
N ALA D 32 -11.05 36.04 10.34
CA ALA D 32 -10.36 34.80 9.95
C ALA D 32 -9.72 34.15 11.19
N TYR D 33 -9.02 34.96 11.98
CA TYR D 33 -8.41 34.46 13.20
C TYR D 33 -9.44 33.93 14.20
N LEU D 34 -10.57 34.62 14.37
CA LEU D 34 -11.55 34.17 15.36
C LEU D 34 -12.18 32.84 14.97
N LEU D 35 -12.49 32.69 13.68
CA LEU D 35 -13.06 31.44 13.16
C LEU D 35 -12.10 30.26 13.36
N VAL D 36 -10.82 30.50 13.09
CA VAL D 36 -9.80 29.46 13.29
C VAL D 36 -9.56 29.16 14.78
N GLU D 37 -9.43 30.21 15.59
CA GLU D 37 -9.33 30.05 17.06
C GLU D 37 -10.48 29.23 17.63
N ASN D 38 -11.70 29.45 17.14
CA ASN D 38 -12.89 28.73 17.60
C ASN D 38 -12.74 27.21 17.39
N GLU D 39 -12.01 26.82 16.35
CA GLU D 39 -11.88 25.41 16.02
C GLU D 39 -10.61 24.74 16.54
N LEU D 40 -9.52 25.50 16.62
CA LEU D 40 -8.19 24.92 16.80
C LEU D 40 -7.44 25.41 18.05
N MET D 41 -8.09 26.19 18.89
CA MET D 41 -7.47 26.55 20.17
C MET D 41 -8.34 26.21 21.39
N GLU D 42 -7.66 25.65 22.41
CA GLU D 42 -8.18 25.52 23.79
C GLU D 42 -8.93 24.20 24.07
N GLU D 46 -17.16 24.34 28.73
CA GLU D 46 -17.73 25.23 27.71
C GLU D 46 -17.92 24.54 26.34
N GLU D 47 -18.57 25.27 25.45
CA GLU D 47 -18.75 24.88 24.05
C GLU D 47 -18.03 25.91 23.17
N LYS D 48 -17.87 25.57 21.89
CA LYS D 48 -17.39 26.51 20.89
C LYS D 48 -18.42 27.62 20.72
N ARG D 49 -17.98 28.76 20.19
CA ARG D 49 -18.90 29.85 19.85
C ARG D 49 -19.73 29.48 18.63
N THR D 50 -20.97 29.98 18.57
CA THR D 50 -21.80 29.82 17.38
C THR D 50 -21.40 30.88 16.34
N GLN D 51 -21.87 30.70 15.11
CA GLN D 51 -21.68 31.71 14.06
C GLN D 51 -22.26 33.06 14.46
N ASP D 52 -23.46 33.05 15.05
CA ASP D 52 -24.10 34.29 15.51
C ASP D 52 -23.25 34.97 16.59
N GLU D 53 -22.74 34.19 17.54
CA GLU D 53 -21.89 34.73 18.60
C GLU D 53 -20.60 35.33 18.06
N MET D 54 -19.98 34.68 17.07
CA MET D 54 -18.78 35.22 16.45
C MET D 54 -19.06 36.53 15.68
N ALA D 55 -20.17 36.57 14.95
CA ALA D 55 -20.58 37.80 14.24
C ALA D 55 -20.73 38.98 15.22
N ASN D 56 -21.38 38.74 16.35
CA ASN D 56 -21.52 39.75 17.41
C ASN D 56 -20.23 40.21 18.03
N GLU D 57 -19.33 39.26 18.31
CA GLU D 57 -18.02 39.61 18.86
C GLU D 57 -17.22 40.46 17.86
N LEU D 58 -17.40 40.17 16.58
CA LEU D 58 -16.78 40.93 15.50
C LEU D 58 -17.46 42.27 15.25
N GLY D 59 -18.70 42.41 15.73
CA GLY D 59 -19.51 43.60 15.47
C GLY D 59 -19.94 43.70 14.02
N ILE D 60 -20.31 42.56 13.43
CA ILE D 60 -20.77 42.50 12.03
C ILE D 60 -22.08 41.74 11.97
N ASN D 61 -22.87 41.97 10.91
CA ASN D 61 -24.07 41.18 10.60
C ASN D 61 -23.73 39.73 10.31
N ARG D 62 -24.62 38.82 10.70
CA ARG D 62 -24.54 37.42 10.26
C ARG D 62 -24.44 37.32 8.75
N THR D 63 -25.14 38.20 8.02
CA THR D 63 -25.13 38.15 6.56
C THR D 63 -23.75 38.52 6.00
N THR D 64 -23.06 39.43 6.69
CA THR D 64 -21.72 39.83 6.31
C THR D 64 -20.73 38.68 6.53
N LEU D 65 -20.80 38.03 7.68
CA LEU D 65 -19.95 36.88 7.95
C LEU D 65 -20.21 35.78 6.90
N TRP D 66 -21.48 35.52 6.60
CA TRP D 66 -21.88 34.54 5.59
C TRP D 66 -21.30 34.89 4.21
N GLU D 67 -21.42 36.16 3.83
CA GLU D 67 -20.85 36.66 2.58
C GLU D 67 -19.35 36.44 2.48
N TRP D 68 -18.62 36.75 3.55
CA TRP D 68 -17.17 36.57 3.54
C TRP D 68 -16.82 35.10 3.39
N ARG D 69 -17.50 34.26 4.16
CA ARG D 69 -17.26 32.81 4.17
C ARG D 69 -17.62 32.10 2.86
N THR D 70 -18.60 32.62 2.13
CA THR D 70 -19.10 31.94 0.93
C THR D 70 -18.68 32.59 -0.41
N LYS D 71 -18.45 33.89 -0.39
CA LYS D 71 -18.21 34.62 -1.65
C LYS D 71 -16.85 35.33 -1.77
N ASN D 72 -16.19 35.59 -0.64
CA ASN D 72 -14.91 36.31 -0.67
C ASN D 72 -13.73 35.35 -0.74
N GLN D 73 -13.18 35.19 -1.95
CA GLN D 73 -12.11 34.20 -2.16
C GLN D 73 -10.81 34.56 -1.45
N ASP D 74 -10.53 35.86 -1.33
CA ASP D 74 -9.36 36.32 -0.58
C ASP D 74 -9.48 35.95 0.90
N PHE D 75 -10.67 36.16 1.47
CA PHE D 75 -10.95 35.81 2.86
C PHE D 75 -10.82 34.30 3.11
N ILE D 76 -11.44 33.51 2.24
CA ILE D 76 -11.36 32.05 2.31
C ILE D 76 -9.89 31.58 2.26
N ALA D 77 -9.13 32.10 1.29
CA ALA D 77 -7.73 31.70 1.12
C ALA D 77 -6.88 32.09 2.33
N PHE D 78 -7.08 33.30 2.85
CA PHE D 78 -6.35 33.74 4.04
C PHE D 78 -6.68 32.86 5.25
N LYS D 79 -7.97 32.64 5.49
CA LYS D 79 -8.40 31.81 6.62
C LYS D 79 -7.78 30.39 6.55
N SER D 80 -7.71 29.82 5.35
CA SER D 80 -7.07 28.50 5.16
C SER D 80 -5.58 28.53 5.54
N GLU D 81 -4.88 29.61 5.18
CA GLU D 81 -3.47 29.78 5.55
C GLU D 81 -3.31 29.91 7.07
N VAL D 82 -4.23 30.65 7.69
CA VAL D 82 -4.26 30.76 9.15
C VAL D 82 -4.51 29.39 9.80
N ALA D 83 -5.45 28.61 9.23
CA ALA D 83 -5.74 27.25 9.70
C ALA D 83 -4.50 26.36 9.64
N ASP D 84 -3.76 26.45 8.53
CA ASP D 84 -2.49 25.71 8.39
C ASP D 84 -1.50 26.09 9.51
N SER D 85 -1.44 27.38 9.85
CA SER D 85 -0.50 27.85 10.87
C SER D 85 -0.84 27.32 12.27
N PHE D 86 -2.12 27.40 12.64
CA PHE D 86 -2.57 26.84 13.91
C PHE D 86 -2.29 25.35 14.00
N LEU D 87 -2.48 24.63 12.90
CA LEU D 87 -2.22 23.18 12.86
C LEU D 87 -0.72 22.88 12.97
N ALA D 88 0.09 23.64 12.22
CA ALA D 88 1.56 23.52 12.30
C ALA D 88 2.07 23.68 13.74
N GLU D 89 1.49 24.64 14.48
CA GLU D 89 1.94 24.94 15.83
C GLU D 89 1.70 23.78 16.83
N LYS D 90 0.86 22.80 16.46
CA LYS D 90 0.56 21.65 17.34
C LYS D 90 1.64 20.58 17.35
N ARG D 91 2.76 20.81 16.66
CA ARG D 91 3.66 19.69 16.37
C ARG D 91 4.06 18.86 17.60
N GLU D 92 4.54 19.52 18.66
CA GLU D 92 5.01 18.79 19.84
C GLU D 92 3.90 18.00 20.55
N GLN D 93 2.65 18.49 20.46
CA GLN D 93 1.52 17.78 21.05
C GLN D 93 1.26 16.48 20.29
N VAL D 94 1.35 16.52 18.96
CA VAL D 94 1.23 15.31 18.13
C VAL D 94 2.37 14.31 18.45
N TYR D 95 3.61 14.81 18.48
CA TYR D 95 4.76 13.97 18.78
C TYR D 95 4.61 13.31 20.15
N SER D 96 4.04 14.03 21.11
CA SER D 96 3.86 13.47 22.46
C SER D 96 2.96 12.24 22.39
N LYS D 97 1.89 12.35 21.62
CA LYS D 97 0.97 11.19 21.47
C LYS D 97 1.60 10.06 20.69
N LEU D 98 2.40 10.40 19.66
CA LEU D 98 3.16 9.37 18.93
C LEU D 98 4.05 8.55 19.88
N MET D 99 4.82 9.25 20.73
CA MET D 99 5.68 8.56 21.71
C MET D 99 4.92 7.70 22.74
N GLN D 100 3.77 8.21 23.18
CA GLN D 100 2.91 7.47 24.11
C GLN D 100 2.42 6.17 23.49
N LEU D 101 2.12 6.19 22.19
CA LEU D 101 1.66 4.99 21.46
C LEU D 101 2.79 3.96 21.29
N ILE D 102 4.01 4.48 21.10
CA ILE D 102 5.18 3.61 20.96
C ILE D 102 5.55 2.97 22.30
N LEU D 103 5.52 3.76 23.36
CA LEU D 103 6.09 3.32 24.64
C LEU D 103 5.05 2.77 25.61
N GLY D 104 3.77 2.92 25.29
CA GLY D 104 2.70 2.57 26.22
C GLY D 104 2.50 1.06 26.34
N PRO D 105 1.51 0.63 27.17
CA PRO D 105 1.43 -0.79 27.50
C PRO D 105 1.25 -1.64 26.26
N GLN D 106 0.69 -1.03 25.21
CA GLN D 106 0.48 -1.66 23.90
C GLN D 106 1.28 -1.01 22.76
N PRO D 107 2.60 -1.24 22.68
CA PRO D 107 3.38 -0.47 21.69
C PRO D 107 2.84 -0.66 20.26
N SER D 108 2.53 0.46 19.58
CA SER D 108 2.01 0.52 18.21
C SER D 108 3.12 0.46 17.14
N VAL D 109 3.14 -0.60 16.32
CA VAL D 109 4.16 -0.73 15.26
C VAL D 109 3.96 0.31 14.17
N LYS D 110 2.71 0.66 13.88
CA LYS D 110 2.46 1.71 12.91
C LYS D 110 3.06 3.03 13.39
N ALA D 111 2.94 3.31 14.69
CA ALA D 111 3.50 4.58 15.21
C ALA D 111 5.03 4.53 15.09
N MET D 112 5.63 3.36 15.36
CA MET D 112 7.07 3.14 15.13
C MET D 112 7.46 3.40 13.67
N GLN D 113 6.63 2.95 12.73
CA GLN D 113 6.91 3.18 11.31
C GLN D 113 6.92 4.69 11.02
N LEU D 114 5.93 5.42 11.54
CA LEU D 114 5.88 6.87 11.38
C LEU D 114 7.10 7.56 11.97
N TYR D 115 7.51 7.12 13.16
CA TYR D 115 8.73 7.65 13.79
C TYR D 115 9.93 7.46 12.85
N MET D 116 10.09 6.26 12.33
CA MET D 116 11.29 5.95 11.54
C MET D 116 11.27 6.69 10.18
N GLN D 117 10.09 6.84 9.61
CA GLN D 117 9.93 7.66 8.38
C GLN D 117 10.21 9.14 8.59
N ARG D 118 9.90 9.65 9.77
CA ARG D 118 10.15 11.04 10.10
C ARG D 118 11.63 11.37 9.93
N PHE D 119 12.50 10.42 10.26
CA PHE D 119 13.93 10.65 10.22
C PHE D 119 14.60 9.99 9.01
N GLY D 120 13.78 9.52 8.08
CA GLY D 120 14.27 8.88 6.84
C GLY D 120 15.09 7.65 7.12
N LEU D 121 14.66 6.85 8.09
CA LEU D 121 15.43 5.68 8.53
C LEU D 121 15.16 4.40 7.73
N LEU D 122 14.06 4.37 6.97
CA LEU D 122 13.65 3.16 6.24
C LEU D 122 13.99 3.20 4.76
N THR D 123 14.62 2.13 4.27
CA THR D 123 14.99 2.01 2.88
C THR D 123 14.27 0.83 2.20
N ASP D 124 13.83 1.05 0.96
CA ASP D 124 13.48 -0.05 0.04
C ASP D 124 14.43 -0.05 -1.15
N LYS D 125 14.97 -1.22 -1.49
CA LYS D 125 15.86 -1.31 -2.65
C LYS D 125 15.08 -1.84 -3.85
N LYS D 126 15.40 -1.30 -5.02
CA LYS D 126 14.77 -1.68 -6.28
C LYS D 126 15.83 -2.01 -7.31
N VAL D 127 15.68 -3.15 -7.99
CA VAL D 127 16.44 -3.50 -9.18
C VAL D 127 15.51 -3.33 -10.39
N ILE D 128 15.74 -2.27 -11.15
CA ILE D 128 14.87 -1.86 -12.26
C ILE D 128 15.31 -2.50 -13.58
N GLU D 129 14.36 -3.10 -14.30
CA GLU D 129 14.63 -3.69 -15.61
C GLU D 129 13.62 -3.21 -16.64
N GLY D 130 14.03 -3.17 -17.92
CA GLY D 130 13.11 -2.90 -19.00
C GLY D 130 13.38 -1.64 -19.81
N ASP D 131 12.30 -1.06 -20.34
CA ASP D 131 12.39 0.08 -21.26
C ASP D 131 11.19 1.02 -21.14
N LEU D 132 11.40 2.28 -21.50
CA LEU D 132 10.31 3.24 -21.64
C LEU D 132 10.55 4.30 -22.72
N MET E 14 32.15 3.23 12.01
CA MET E 14 33.42 3.79 12.58
C MET E 14 33.83 5.10 11.91
N ALA E 15 33.29 5.36 10.72
CA ALA E 15 33.57 6.60 9.99
C ALA E 15 32.89 7.80 10.66
N LYS E 16 31.65 7.59 11.07
CA LYS E 16 30.82 8.65 11.65
C LYS E 16 31.02 8.78 13.16
N LEU E 17 31.16 7.63 13.83
CA LEU E 17 31.37 7.60 15.28
C LEU E 17 32.62 8.38 15.68
N ASP E 18 33.66 8.29 14.85
CA ASP E 18 34.97 8.87 15.13
C ASP E 18 35.02 10.39 15.01
N GLU E 19 34.34 10.93 14.01
CA GLU E 19 34.23 12.38 13.81
C GLU E 19 33.38 13.03 14.90
N LEU E 20 32.31 12.35 15.29
CA LEU E 20 31.39 12.84 16.31
C LEU E 20 31.99 12.73 17.71
N LYS E 21 32.62 11.60 18.00
CA LYS E 21 33.25 11.33 19.30
C LYS E 21 34.17 12.46 19.78
N GLN E 22 34.83 13.11 18.83
CA GLN E 22 35.83 14.13 19.11
C GLN E 22 35.24 15.46 19.57
N LYS E 23 33.95 15.66 19.29
CA LYS E 23 33.22 16.85 19.77
C LYS E 23 32.65 16.63 21.18
N LEU E 24 32.85 15.44 21.74
CA LEU E 24 32.27 15.09 23.04
C LEU E 24 33.34 14.84 24.10
N THR E 25 32.99 15.06 25.37
CA THR E 25 33.88 14.73 26.47
C THR E 25 33.85 13.22 26.75
N ALA E 26 34.86 12.74 27.46
CA ALA E 26 34.91 11.34 27.92
C ALA E 26 33.64 10.93 28.66
N LYS E 27 33.17 11.80 29.57
CA LYS E 27 31.92 11.52 30.30
C LYS E 27 30.67 11.51 29.40
N GLN E 28 30.63 12.41 28.42
CA GLN E 28 29.55 12.43 27.44
C GLN E 28 29.52 11.15 26.60
N ILE E 29 30.68 10.66 26.20
CA ILE E 29 30.75 9.40 25.44
C ILE E 29 30.23 8.25 26.31
N GLN E 30 30.71 8.19 27.55
CA GLN E 30 30.24 7.20 28.53
C GLN E 30 28.73 7.28 28.71
N ALA E 31 28.21 8.49 28.86
CA ALA E 31 26.77 8.74 28.99
C ALA E 31 25.99 8.21 27.79
N ALA E 32 26.44 8.49 26.57
CA ALA E 32 25.74 7.98 25.38
C ALA E 32 25.63 6.46 25.39
N TYR E 33 26.73 5.79 25.72
CA TYR E 33 26.73 4.34 25.78
C TYR E 33 25.85 3.79 26.89
N LEU E 34 25.86 4.42 28.05
CA LEU E 34 25.00 3.98 29.15
C LEU E 34 23.52 4.08 28.79
N LEU E 35 23.12 5.22 28.22
CA LEU E 35 21.71 5.40 27.82
C LEU E 35 21.25 4.35 26.79
N VAL E 36 22.13 4.03 25.84
CA VAL E 36 21.79 3.05 24.81
C VAL E 36 21.78 1.63 25.38
N GLU E 37 22.79 1.27 26.18
CA GLU E 37 22.84 -0.06 26.82
C GLU E 37 21.58 -0.31 27.69
N ASN E 38 21.14 0.72 28.39
CA ASN E 38 19.96 0.63 29.25
C ASN E 38 18.72 0.20 28.45
N GLU E 39 18.68 0.57 27.17
CA GLU E 39 17.54 0.27 26.30
C GLU E 39 17.75 -0.95 25.40
N LEU E 40 18.98 -1.20 24.98
CA LEU E 40 19.22 -2.22 23.94
C LEU E 40 20.15 -3.37 24.33
N MET E 41 20.71 -3.32 25.53
CA MET E 41 21.59 -4.39 25.96
C MET E 41 20.84 -5.30 26.93
N GLU E 42 20.93 -6.60 26.67
CA GLU E 42 20.35 -7.62 27.54
C GLU E 42 21.09 -7.70 28.87
N GLU E 47 15.76 -5.27 35.02
CA GLU E 47 15.02 -4.02 34.97
C GLU E 47 15.94 -2.85 34.60
N LYS E 48 15.47 -2.00 33.69
CA LYS E 48 16.20 -0.82 33.24
C LYS E 48 16.50 0.16 34.38
N ARG E 49 17.62 0.86 34.28
CA ARG E 49 17.98 1.92 35.22
C ARG E 49 17.11 3.17 34.99
N THR E 50 16.89 3.95 36.05
CA THR E 50 16.21 5.24 35.94
C THR E 50 17.20 6.32 35.50
N GLN E 51 16.69 7.49 35.10
CA GLN E 51 17.54 8.63 34.74
C GLN E 51 18.43 9.04 35.92
N ASP E 52 17.87 9.08 37.12
CA ASP E 52 18.62 9.40 38.34
C ASP E 52 19.72 8.38 38.64
N GLU E 53 19.40 7.10 38.46
CA GLU E 53 20.36 6.01 38.65
C GLU E 53 21.52 6.11 37.67
N MET E 54 21.22 6.47 36.41
CA MET E 54 22.27 6.65 35.41
C MET E 54 23.15 7.88 35.67
N ALA E 55 22.53 8.99 36.06
CA ALA E 55 23.30 10.19 36.42
C ALA E 55 24.23 9.91 37.61
N ASN E 56 23.76 9.11 38.55
CA ASN E 56 24.54 8.69 39.72
C ASN E 56 25.73 7.84 39.32
N GLU E 57 25.47 6.80 38.53
CA GLU E 57 26.51 5.93 37.99
C GLU E 57 27.58 6.70 37.22
N LEU E 58 27.15 7.71 36.47
CA LEU E 58 28.07 8.57 35.71
C LEU E 58 28.75 9.61 36.61
N GLY E 59 28.22 9.80 37.81
CA GLY E 59 28.74 10.80 38.74
C GLY E 59 28.49 12.23 38.30
N ILE E 60 27.34 12.45 37.65
CA ILE E 60 26.93 13.78 37.23
C ILE E 60 25.58 14.13 37.82
N ASN E 61 25.24 15.41 37.81
CA ASN E 61 23.94 15.88 38.27
C ASN E 61 22.85 15.56 37.24
N ARG E 62 21.63 15.35 37.74
CA ARG E 62 20.44 15.16 36.91
C ARG E 62 20.32 16.26 35.85
N THR E 63 20.57 17.51 36.25
CA THR E 63 20.42 18.65 35.33
C THR E 63 21.41 18.61 34.17
N THR E 64 22.62 18.11 34.44
CA THR E 64 23.66 17.95 33.43
C THR E 64 23.23 16.93 32.36
N LEU E 65 22.76 15.76 32.81
CA LEU E 65 22.24 14.76 31.87
C LEU E 65 21.08 15.33 31.04
N TRP E 66 20.17 16.05 31.69
CA TRP E 66 19.05 16.71 31.00
C TRP E 66 19.58 17.70 29.94
N GLU E 67 20.58 18.50 30.29
CA GLU E 67 21.18 19.46 29.34
C GLU E 67 21.76 18.75 28.13
N TRP E 68 22.52 17.68 28.35
CA TRP E 68 23.11 16.95 27.24
C TRP E 68 22.06 16.37 26.31
N ARG E 69 21.02 15.76 26.88
CA ARG E 69 19.95 15.11 26.10
C ARG E 69 19.08 16.08 25.30
N THR E 70 18.96 17.32 25.77
CA THR E 70 18.04 18.30 25.17
C THR E 70 18.69 19.42 24.34
N LYS E 71 19.93 19.78 24.70
CA LYS E 71 20.61 20.93 24.10
C LYS E 71 21.89 20.60 23.32
N ASN E 72 22.47 19.44 23.59
CA ASN E 72 23.74 19.12 22.94
C ASN E 72 23.54 18.27 21.69
N GLN E 73 23.56 18.92 20.53
CA GLN E 73 23.27 18.25 19.26
C GLN E 73 24.30 17.19 18.90
N ASP E 74 25.56 17.44 19.26
CA ASP E 74 26.61 16.44 19.03
C ASP E 74 26.35 15.19 19.87
N PHE E 75 25.97 15.38 21.13
CA PHE E 75 25.63 14.27 22.03
C PHE E 75 24.47 13.44 21.48
N ILE E 76 23.40 14.13 21.07
CA ILE E 76 22.21 13.46 20.49
C ILE E 76 22.59 12.65 19.23
N ALA E 77 23.37 13.26 18.33
CA ALA E 77 23.76 12.60 17.08
C ALA E 77 24.65 11.38 17.32
N PHE E 78 25.59 11.48 18.24
CA PHE E 78 26.45 10.36 18.59
C PHE E 78 25.63 9.23 19.21
N LYS E 79 24.74 9.58 20.13
CA LYS E 79 23.88 8.58 20.77
C LYS E 79 23.00 7.82 19.75
N SER E 80 22.51 8.53 18.73
CA SER E 80 21.71 7.86 17.66
C SER E 80 22.55 6.88 16.83
N GLU E 81 23.81 7.23 16.57
CA GLU E 81 24.75 6.35 15.90
C GLU E 81 25.05 5.10 16.72
N VAL E 82 25.29 5.29 18.02
CA VAL E 82 25.52 4.14 18.92
C VAL E 82 24.28 3.23 18.95
N ALA E 83 23.09 3.84 19.04
CA ALA E 83 21.81 3.11 18.97
C ALA E 83 21.69 2.26 17.70
N ASP E 84 22.03 2.84 16.55
CA ASP E 84 22.04 2.11 15.27
C ASP E 84 22.98 0.88 15.35
N SER E 85 24.18 1.08 15.91
CA SER E 85 25.14 0.01 16.07
C SER E 85 24.63 -1.13 16.94
N PHE E 86 24.02 -0.81 18.09
CA PHE E 86 23.42 -1.84 18.94
C PHE E 86 22.26 -2.57 18.24
N LEU E 87 21.45 -1.83 17.49
CA LEU E 87 20.32 -2.43 16.77
C LEU E 87 20.80 -3.41 15.69
N ALA E 88 21.86 -3.03 14.98
CA ALA E 88 22.47 -3.81 13.88
C ALA E 88 22.93 -5.21 14.31
N GLU E 89 23.54 -5.27 15.50
CA GLU E 89 24.02 -6.51 16.11
C GLU E 89 22.94 -7.58 16.29
N LYS E 90 21.68 -7.16 16.33
CA LYS E 90 20.55 -8.09 16.63
C LYS E 90 19.99 -8.82 15.40
N ARG E 91 20.65 -8.68 14.25
CA ARG E 91 20.07 -9.18 13.00
C ARG E 91 19.78 -10.67 13.02
N GLU E 92 20.71 -11.48 13.53
CA GLU E 92 20.47 -12.93 13.58
C GLU E 92 19.32 -13.32 14.53
N GLN E 93 19.13 -12.54 15.59
CA GLN E 93 17.96 -12.71 16.45
C GLN E 93 16.66 -12.49 15.67
N VAL E 94 16.65 -11.49 14.80
CA VAL E 94 15.46 -11.20 13.98
C VAL E 94 15.26 -12.34 12.96
N TYR E 95 16.35 -12.76 12.32
CA TYR E 95 16.32 -13.89 11.37
C TYR E 95 15.74 -15.13 12.02
N SER E 96 16.14 -15.41 13.26
CA SER E 96 15.67 -16.62 13.95
C SER E 96 14.14 -16.56 14.10
N LYS E 97 13.62 -15.41 14.51
CA LYS E 97 12.17 -15.23 14.64
C LYS E 97 11.45 -15.35 13.31
N LEU E 98 12.03 -14.72 12.29
CA LEU E 98 11.44 -14.80 10.95
C LEU E 98 11.26 -16.26 10.52
N MET E 99 12.31 -17.06 10.66
CA MET E 99 12.26 -18.45 10.22
C MET E 99 11.31 -19.28 11.08
N GLN E 100 11.20 -18.91 12.35
CA GLN E 100 10.26 -19.55 13.27
C GLN E 100 8.79 -19.33 12.83
N LEU E 101 8.49 -18.15 12.32
CA LEU E 101 7.15 -17.84 11.85
C LEU E 101 6.80 -18.55 10.53
N ILE E 102 7.81 -18.84 9.71
CA ILE E 102 7.62 -19.52 8.41
C ILE E 102 7.58 -21.05 8.53
N LEU E 103 8.56 -21.61 9.23
CA LEU E 103 8.83 -23.06 9.09
C LEU E 103 8.12 -23.96 10.08
N GLY E 104 7.37 -23.38 11.00
CA GLY E 104 6.60 -24.16 11.94
C GLY E 104 5.37 -24.75 11.29
N PRO E 105 4.63 -25.61 12.01
CA PRO E 105 3.40 -26.21 11.47
C PRO E 105 2.32 -25.16 11.11
N GLN E 106 2.53 -23.91 11.52
CA GLN E 106 1.60 -22.78 11.27
C GLN E 106 2.25 -21.57 10.56
N PRO E 107 2.52 -21.71 9.26
CA PRO E 107 3.31 -20.70 8.52
C PRO E 107 2.65 -19.31 8.40
N SER E 108 3.45 -18.26 8.53
CA SER E 108 2.99 -16.89 8.31
C SER E 108 3.28 -16.42 6.88
N VAL E 109 2.24 -16.04 6.13
CA VAL E 109 2.44 -15.56 4.74
C VAL E 109 3.19 -14.22 4.70
N LYS E 110 2.93 -13.36 5.69
CA LYS E 110 3.62 -12.10 5.79
C LYS E 110 5.13 -12.34 6.02
N ALA E 111 5.45 -13.31 6.87
CA ALA E 111 6.89 -13.60 7.10
C ALA E 111 7.54 -14.14 5.81
N MET E 112 6.79 -14.94 5.05
CA MET E 112 7.31 -15.46 3.77
C MET E 112 7.55 -14.35 2.78
N GLN E 113 6.68 -13.35 2.76
CA GLN E 113 6.89 -12.16 1.95
C GLN E 113 8.25 -11.50 2.28
N LEU E 114 8.52 -11.31 3.56
CA LEU E 114 9.80 -10.70 4.00
C LEU E 114 11.01 -11.52 3.60
N TYR E 115 10.92 -12.83 3.78
CA TYR E 115 11.99 -13.75 3.33
C TYR E 115 12.27 -13.57 1.84
N MET E 116 11.20 -13.56 1.04
CA MET E 116 11.34 -13.46 -0.41
C MET E 116 11.94 -12.11 -0.83
N GLN E 117 11.50 -11.04 -0.17
CA GLN E 117 12.10 -9.71 -0.39
C GLN E 117 13.55 -9.58 0.04
N ARG E 118 13.91 -10.26 1.13
CA ARG E 118 15.31 -10.31 1.56
C ARG E 118 16.21 -10.77 0.41
N PHE E 119 15.72 -11.75 -0.36
CA PHE E 119 16.49 -12.31 -1.44
C PHE E 119 16.13 -11.77 -2.83
N GLY E 120 15.31 -10.71 -2.86
CA GLY E 120 14.95 -10.04 -4.11
C GLY E 120 14.21 -10.94 -5.07
N LEU E 121 13.34 -11.79 -4.55
CA LEU E 121 12.71 -12.84 -5.35
C LEU E 121 11.38 -12.41 -6.00
N LEU E 122 10.84 -11.28 -5.55
CA LEU E 122 9.53 -10.85 -6.01
C LEU E 122 9.66 -9.75 -7.06
N THR E 123 8.83 -9.84 -8.10
CA THR E 123 8.82 -8.86 -9.19
C THR E 123 7.51 -8.09 -9.24
N ASP E 124 7.62 -6.78 -9.36
CA ASP E 124 6.48 -5.95 -9.69
C ASP E 124 6.63 -5.43 -11.11
N LYS E 125 5.62 -5.69 -11.93
CA LYS E 125 5.69 -5.38 -13.34
C LYS E 125 4.74 -4.23 -13.68
N LYS E 126 5.25 -3.25 -14.45
CA LYS E 126 4.47 -2.10 -14.88
C LYS E 126 4.53 -1.96 -16.38
N VAL E 127 3.37 -1.72 -16.99
CA VAL E 127 3.30 -1.32 -18.38
C VAL E 127 2.87 0.15 -18.40
N ILE E 128 3.73 0.99 -18.97
CA ILE E 128 3.50 2.43 -18.97
C ILE E 128 3.16 2.93 -20.37
N GLU E 129 2.12 3.75 -20.47
CA GLU E 129 1.72 4.38 -21.72
C GLU E 129 1.49 5.87 -21.49
N GLY E 130 1.50 6.65 -22.57
CA GLY E 130 1.21 8.08 -22.51
C GLY E 130 2.33 8.94 -23.03
N ASP E 131 2.47 10.14 -22.44
CA ASP E 131 3.50 11.11 -22.82
C ASP E 131 3.77 12.12 -21.70
N LEU E 132 4.89 12.83 -21.79
CA LEU E 132 5.27 13.85 -20.82
C LEU E 132 5.89 15.05 -21.51
N LYS F 16 -11.82 -3.52 -33.81
CA LYS F 16 -11.09 -4.45 -32.89
C LYS F 16 -11.62 -5.89 -33.00
N LEU F 17 -12.94 -6.03 -32.82
CA LEU F 17 -13.62 -7.33 -32.94
C LEU F 17 -13.58 -7.88 -34.37
N ASP F 18 -13.56 -6.97 -35.34
CA ASP F 18 -13.71 -7.32 -36.74
C ASP F 18 -12.47 -7.96 -37.37
N GLU F 19 -11.33 -7.84 -36.71
CA GLU F 19 -10.11 -8.55 -37.13
C GLU F 19 -10.16 -10.00 -36.65
N LEU F 20 -10.56 -10.19 -35.40
CA LEU F 20 -10.62 -11.51 -34.77
C LEU F 20 -11.74 -12.35 -35.36
N LYS F 21 -12.87 -11.70 -35.68
CA LYS F 21 -14.02 -12.33 -36.32
C LYS F 21 -13.65 -13.14 -37.55
N GLN F 22 -12.69 -12.65 -38.33
CA GLN F 22 -12.27 -13.24 -39.61
C GLN F 22 -11.70 -14.64 -39.45
N LYS F 23 -11.20 -14.94 -38.24
CA LYS F 23 -10.50 -16.17 -37.96
C LYS F 23 -11.40 -17.26 -37.39
N LEU F 24 -12.70 -16.98 -37.36
CA LEU F 24 -13.69 -17.90 -36.80
C LEU F 24 -14.78 -18.23 -37.83
N THR F 25 -15.43 -19.37 -37.64
CA THR F 25 -16.64 -19.73 -38.41
C THR F 25 -17.83 -18.97 -37.85
N ALA F 26 -18.91 -18.92 -38.61
CA ALA F 26 -20.15 -18.29 -38.14
C ALA F 26 -20.65 -18.95 -36.86
N LYS F 27 -20.55 -20.29 -36.78
CA LYS F 27 -20.99 -21.02 -35.59
C LYS F 27 -20.10 -20.71 -34.37
N GLN F 28 -18.80 -20.57 -34.61
CA GLN F 28 -17.87 -20.18 -33.54
C GLN F 28 -18.15 -18.78 -33.01
N ILE F 29 -18.53 -17.86 -33.89
CA ILE F 29 -18.94 -16.53 -33.47
C ILE F 29 -20.20 -16.61 -32.58
N GLN F 30 -21.18 -17.38 -33.04
CA GLN F 30 -22.42 -17.64 -32.31
C GLN F 30 -22.14 -18.25 -30.92
N ALA F 31 -21.18 -19.17 -30.86
CA ALA F 31 -20.81 -19.83 -29.61
C ALA F 31 -20.17 -18.86 -28.62
N ALA F 32 -19.29 -17.99 -29.11
CA ALA F 32 -18.62 -17.03 -28.21
C ALA F 32 -19.65 -16.08 -27.62
N TYR F 33 -20.56 -15.60 -28.46
CA TYR F 33 -21.65 -14.74 -28.00
C TYR F 33 -22.58 -15.44 -27.00
N LEU F 34 -22.93 -16.69 -27.26
CA LEU F 34 -23.80 -17.43 -26.35
C LEU F 34 -23.13 -17.66 -24.99
N LEU F 35 -21.85 -18.03 -25.02
CA LEU F 35 -21.09 -18.24 -23.79
C LEU F 35 -21.04 -16.97 -22.94
N VAL F 36 -20.81 -15.83 -23.59
CA VAL F 36 -20.74 -14.55 -22.87
C VAL F 36 -22.11 -14.09 -22.34
N GLU F 37 -23.14 -14.21 -23.18
CA GLU F 37 -24.52 -13.88 -22.77
C GLU F 37 -24.99 -14.73 -21.60
N ASN F 38 -24.61 -16.01 -21.59
CA ASN F 38 -24.94 -16.88 -20.47
C ASN F 38 -24.40 -16.35 -19.13
N GLU F 39 -23.26 -15.68 -19.18
CA GLU F 39 -22.60 -15.18 -17.97
C GLU F 39 -22.96 -13.73 -17.64
N LEU F 40 -23.16 -12.91 -18.66
CA LEU F 40 -23.26 -11.47 -18.49
C LEU F 40 -24.58 -10.82 -18.93
N MET F 41 -25.51 -11.61 -19.45
CA MET F 41 -26.85 -11.10 -19.72
C MET F 41 -27.91 -12.05 -19.17
N LYS F 48 -26.71 -19.55 -16.43
CA LYS F 48 -27.76 -20.49 -16.06
C LYS F 48 -27.83 -21.73 -16.95
N ARG F 49 -27.54 -21.60 -18.25
CA ARG F 49 -27.47 -22.78 -19.13
C ARG F 49 -26.19 -23.57 -18.84
N THR F 50 -26.29 -24.90 -18.94
CA THR F 50 -25.12 -25.76 -18.82
C THR F 50 -24.36 -25.83 -20.14
N GLN F 51 -23.16 -26.41 -20.10
CA GLN F 51 -22.34 -26.63 -21.30
C GLN F 51 -23.06 -27.50 -22.34
N ASP F 52 -23.75 -28.53 -21.87
CA ASP F 52 -24.53 -29.42 -22.73
C ASP F 52 -25.71 -28.69 -23.37
N GLU F 53 -26.41 -27.88 -22.59
CA GLU F 53 -27.53 -27.10 -23.10
C GLU F 53 -27.10 -26.10 -24.16
N MET F 54 -25.97 -25.43 -23.92
CA MET F 54 -25.41 -24.48 -24.90
C MET F 54 -24.97 -25.17 -26.19
N ALA F 55 -24.37 -26.37 -26.06
CA ALA F 55 -23.97 -27.16 -27.23
C ALA F 55 -25.19 -27.65 -28.01
N ASN F 56 -26.20 -28.13 -27.29
CA ASN F 56 -27.48 -28.52 -27.90
C ASN F 56 -28.18 -27.33 -28.59
N GLU F 57 -28.10 -26.15 -27.99
CA GLU F 57 -28.66 -24.92 -28.57
C GLU F 57 -27.94 -24.51 -29.86
N LEU F 58 -26.64 -24.74 -29.90
CA LEU F 58 -25.81 -24.40 -31.05
C LEU F 58 -25.82 -25.48 -32.13
N GLY F 59 -26.38 -26.65 -31.80
CA GLY F 59 -26.43 -27.77 -32.74
C GLY F 59 -25.07 -28.36 -33.01
N ILE F 60 -24.22 -28.36 -31.98
CA ILE F 60 -22.91 -29.00 -32.06
C ILE F 60 -22.77 -29.99 -30.90
N ASN F 61 -21.84 -30.93 -31.04
CA ASN F 61 -21.56 -31.87 -29.97
C ASN F 61 -20.70 -31.22 -28.88
N ARG F 62 -20.87 -31.70 -27.64
CA ARG F 62 -20.16 -31.19 -26.48
C ARG F 62 -18.64 -31.24 -26.62
N THR F 63 -18.10 -32.27 -27.26
CA THR F 63 -16.65 -32.36 -27.47
C THR F 63 -16.13 -31.26 -28.39
N THR F 64 -16.98 -30.80 -29.31
CA THR F 64 -16.65 -29.70 -30.22
C THR F 64 -16.58 -28.35 -29.48
N LEU F 65 -17.56 -28.07 -28.62
CA LEU F 65 -17.55 -26.86 -27.79
C LEU F 65 -16.29 -26.86 -26.92
N TRP F 66 -16.01 -28.00 -26.29
CA TRP F 66 -14.81 -28.19 -25.47
C TRP F 66 -13.50 -27.93 -26.24
N GLU F 67 -13.40 -28.42 -27.48
CA GLU F 67 -12.20 -28.17 -28.27
C GLU F 67 -12.03 -26.69 -28.64
N TRP F 68 -13.14 -26.00 -28.94
CA TRP F 68 -13.05 -24.57 -29.22
C TRP F 68 -12.58 -23.81 -27.97
N ARG F 69 -13.18 -24.12 -26.84
CA ARG F 69 -12.82 -23.48 -25.56
C ARG F 69 -11.40 -23.75 -25.09
N THR F 70 -10.81 -24.89 -25.46
CA THR F 70 -9.50 -25.29 -24.90
C THR F 70 -8.32 -25.18 -25.87
N LYS F 71 -8.58 -25.41 -27.15
CA LYS F 71 -7.50 -25.49 -28.14
C LYS F 71 -7.52 -24.38 -29.20
N ASN F 72 -8.63 -23.66 -29.32
CA ASN F 72 -8.72 -22.62 -30.34
C ASN F 72 -8.42 -21.22 -29.80
N GLN F 73 -7.17 -20.78 -30.01
CA GLN F 73 -6.68 -19.49 -29.47
C GLN F 73 -7.42 -18.27 -30.02
N ASP F 74 -7.84 -18.33 -31.27
CA ASP F 74 -8.58 -17.22 -31.89
C ASP F 74 -9.98 -17.10 -31.31
N PHE F 75 -10.60 -18.25 -31.07
CA PHE F 75 -11.92 -18.33 -30.40
C PHE F 75 -11.84 -17.74 -28.99
N ILE F 76 -10.84 -18.16 -28.22
CA ILE F 76 -10.64 -17.65 -26.85
C ILE F 76 -10.43 -16.13 -26.86
N ALA F 77 -9.57 -15.66 -27.76
CA ALA F 77 -9.25 -14.23 -27.88
C ALA F 77 -10.47 -13.40 -28.28
N PHE F 78 -11.25 -13.89 -29.24
CA PHE F 78 -12.48 -13.20 -29.65
C PHE F 78 -13.49 -13.16 -28.49
N LYS F 79 -13.71 -14.30 -27.85
CA LYS F 79 -14.63 -14.39 -26.73
C LYS F 79 -14.29 -13.42 -25.59
N SER F 80 -12.99 -13.25 -25.28
CA SER F 80 -12.56 -12.32 -24.23
C SER F 80 -12.89 -10.87 -24.60
N GLU F 81 -12.76 -10.57 -25.88
CA GLU F 81 -13.11 -9.28 -26.46
C GLU F 81 -14.61 -9.00 -26.34
N VAL F 82 -15.46 -9.98 -26.66
CA VAL F 82 -16.89 -9.75 -26.52
C VAL F 82 -17.26 -9.69 -25.02
N ALA F 83 -16.54 -10.43 -24.19
CA ALA F 83 -16.70 -10.33 -22.73
C ALA F 83 -16.45 -8.91 -22.26
N ASP F 84 -15.40 -8.28 -22.77
CA ASP F 84 -15.10 -6.87 -22.46
C ASP F 84 -16.24 -5.94 -22.87
N SER F 85 -16.84 -6.20 -24.02
CA SER F 85 -17.92 -5.38 -24.57
C SER F 85 -19.17 -5.44 -23.70
N PHE F 86 -19.58 -6.65 -23.33
CA PHE F 86 -20.69 -6.85 -22.41
C PHE F 86 -20.44 -6.19 -21.04
N LEU F 87 -19.21 -6.33 -20.51
CA LEU F 87 -18.86 -5.69 -19.24
C LEU F 87 -18.94 -4.16 -19.32
N ALA F 88 -18.42 -3.57 -20.40
CA ALA F 88 -18.43 -2.12 -20.59
C ALA F 88 -19.85 -1.53 -20.57
N GLU F 89 -20.79 -2.28 -21.12
CA GLU F 89 -22.19 -1.87 -21.23
C GLU F 89 -22.85 -1.69 -19.84
N LYS F 90 -22.26 -2.27 -18.81
CA LYS F 90 -22.83 -2.21 -17.46
C LYS F 90 -22.52 -0.92 -16.72
N ARG F 91 -21.87 0.04 -17.38
CA ARG F 91 -21.30 1.17 -16.64
C ARG F 91 -22.29 1.93 -15.76
N GLU F 92 -23.45 2.29 -16.33
CA GLU F 92 -24.46 3.03 -15.57
C GLU F 92 -25.03 2.24 -14.37
N GLN F 93 -25.13 0.92 -14.52
CA GLN F 93 -25.51 0.05 -13.41
C GLN F 93 -24.52 0.13 -12.25
N VAL F 94 -23.22 0.12 -12.58
CA VAL F 94 -22.17 0.32 -11.56
C VAL F 94 -22.27 1.71 -10.92
N TYR F 95 -22.43 2.75 -11.74
CA TYR F 95 -22.63 4.10 -11.23
C TYR F 95 -23.82 4.18 -10.27
N SER F 96 -24.90 3.47 -10.58
CA SER F 96 -26.08 3.57 -9.73
C SER F 96 -25.74 3.03 -8.33
N LYS F 97 -25.08 1.87 -8.29
CA LYS F 97 -24.65 1.27 -7.02
C LYS F 97 -23.67 2.14 -6.25
N LEU F 98 -22.74 2.76 -6.96
CA LEU F 98 -21.77 3.67 -6.34
C LEU F 98 -22.49 4.81 -5.62
N MET F 99 -23.44 5.43 -6.31
CA MET F 99 -24.15 6.57 -5.74
C MET F 99 -25.03 6.14 -4.57
N GLN F 100 -25.61 4.94 -4.68
CA GLN F 100 -26.38 4.34 -3.56
C GLN F 100 -25.54 4.18 -2.29
N LEU F 101 -24.30 3.72 -2.43
CA LEU F 101 -23.38 3.56 -1.28
C LEU F 101 -22.95 4.88 -0.67
N ILE F 102 -22.85 5.90 -1.51
CA ILE F 102 -22.47 7.24 -1.02
C ILE F 102 -23.63 7.96 -0.33
N LEU F 103 -24.80 7.89 -0.93
CA LEU F 103 -25.93 8.69 -0.47
C LEU F 103 -26.87 7.87 0.41
N GLY F 104 -26.49 6.63 0.70
CA GLY F 104 -27.32 5.72 1.51
C GLY F 104 -27.24 5.99 3.00
N PRO F 105 -27.91 5.13 3.81
CA PRO F 105 -27.99 5.31 5.26
C PRO F 105 -26.66 5.01 5.95
N GLN F 106 -25.73 4.41 5.21
CA GLN F 106 -24.34 4.31 5.63
C GLN F 106 -23.40 4.81 4.53
N PRO F 107 -23.22 6.15 4.40
CA PRO F 107 -22.34 6.64 3.35
C PRO F 107 -20.97 5.95 3.39
N SER F 108 -20.51 5.45 2.24
CA SER F 108 -19.24 4.73 2.13
C SER F 108 -18.08 5.66 1.71
N VAL F 109 -17.08 5.84 2.57
CA VAL F 109 -15.90 6.65 2.20
C VAL F 109 -15.11 6.08 1.02
N LYS F 110 -14.97 4.75 0.96
CA LYS F 110 -14.28 4.15 -0.18
C LYS F 110 -15.02 4.46 -1.48
N ALA F 111 -16.35 4.43 -1.45
CA ALA F 111 -17.12 4.78 -2.65
C ALA F 111 -16.92 6.24 -3.03
N MET F 112 -16.85 7.11 -2.01
CA MET F 112 -16.55 8.54 -2.23
C MET F 112 -15.20 8.71 -2.88
N GLN F 113 -14.21 7.91 -2.44
CA GLN F 113 -12.89 7.99 -3.07
C GLN F 113 -12.96 7.69 -4.56
N LEU F 114 -13.68 6.63 -4.92
CA LEU F 114 -13.81 6.23 -6.33
C LEU F 114 -14.49 7.30 -7.16
N TYR F 115 -15.56 7.87 -6.60
CA TYR F 115 -16.25 9.00 -7.24
C TYR F 115 -15.26 10.10 -7.54
N MET F 116 -14.50 10.51 -6.53
CA MET F 116 -13.55 11.60 -6.67
C MET F 116 -12.47 11.28 -7.73
N GLN F 117 -12.04 10.02 -7.76
CA GLN F 117 -11.04 9.58 -8.73
C GLN F 117 -11.56 9.51 -10.14
N ARG F 118 -12.83 9.16 -10.28
CA ARG F 118 -13.48 9.18 -11.60
C ARG F 118 -13.30 10.53 -12.27
N PHE F 119 -13.32 11.61 -11.47
CA PHE F 119 -13.31 12.97 -12.03
C PHE F 119 -11.94 13.65 -11.85
N GLY F 120 -10.95 12.86 -11.44
CA GLY F 120 -9.58 13.35 -11.28
C GLY F 120 -9.43 14.44 -10.23
N LEU F 121 -10.13 14.29 -9.11
CA LEU F 121 -10.24 15.34 -8.10
C LEU F 121 -9.20 15.25 -7.00
N LEU F 122 -8.51 14.11 -6.91
CA LEU F 122 -7.50 13.89 -5.87
C LEU F 122 -6.06 14.08 -6.35
N THR F 123 -5.27 14.74 -5.53
CA THR F 123 -3.87 14.98 -5.83
C THR F 123 -2.98 14.17 -4.89
N ASP F 124 -2.09 13.35 -5.43
CA ASP F 124 -0.96 12.85 -4.64
C ASP F 124 0.31 13.62 -4.99
N LYS F 125 0.93 14.16 -3.95
CA LYS F 125 2.02 15.11 -4.09
C LYS F 125 3.33 14.49 -3.63
N LYS F 126 4.34 14.55 -4.47
CA LYS F 126 5.63 13.97 -4.16
C LYS F 126 6.73 15.03 -4.15
N VAL F 127 7.55 14.98 -3.11
CA VAL F 127 8.79 15.75 -3.08
C VAL F 127 9.95 14.76 -3.25
N ILE F 128 10.74 14.98 -4.30
CA ILE F 128 11.83 14.08 -4.67
C ILE F 128 13.19 14.74 -4.41
N GLU F 129 14.08 13.98 -3.82
CA GLU F 129 15.42 14.44 -3.47
C GLU F 129 16.39 13.30 -3.78
N GLY F 130 17.62 13.64 -4.17
CA GLY F 130 18.65 12.61 -4.37
C GLY F 130 19.50 12.76 -5.63
N ASP F 131 20.11 11.65 -6.06
CA ASP F 131 21.01 11.64 -7.22
C ASP F 131 20.29 11.12 -8.48
N LEU G 24 8.63 -30.62 -28.49
CA LEU G 24 7.84 -31.63 -27.74
C LEU G 24 7.19 -32.65 -28.66
N THR G 25 7.06 -33.87 -28.15
CA THR G 25 6.35 -34.92 -28.88
C THR G 25 4.84 -34.73 -28.75
N ALA G 26 4.09 -35.45 -29.56
CA ALA G 26 2.63 -35.42 -29.51
C ALA G 26 2.12 -35.88 -28.15
N LYS G 27 2.77 -36.90 -27.59
CA LYS G 27 2.40 -37.44 -26.28
C LYS G 27 2.63 -36.42 -25.16
N GLN G 28 3.75 -35.71 -25.23
CA GLN G 28 4.10 -34.66 -24.27
C GLN G 28 3.14 -33.47 -24.33
N ILE G 29 2.75 -33.06 -25.54
CA ILE G 29 1.75 -32.01 -25.70
C ILE G 29 0.41 -32.46 -25.10
N GLN G 30 0.01 -33.70 -25.40
CA GLN G 30 -1.20 -34.31 -24.82
C GLN G 30 -1.18 -34.33 -23.29
N ALA G 31 -0.03 -34.73 -22.73
CA ALA G 31 0.17 -34.77 -21.28
C ALA G 31 0.02 -33.41 -20.63
N ALA G 32 0.62 -32.38 -21.24
CA ALA G 32 0.49 -31.02 -20.72
C ALA G 32 -0.98 -30.56 -20.66
N TYR G 33 -1.72 -30.80 -21.75
CA TYR G 33 -3.15 -30.50 -21.78
C TYR G 33 -3.94 -31.27 -20.74
N LEU G 34 -3.67 -32.55 -20.58
CA LEU G 34 -4.40 -33.36 -19.59
C LEU G 34 -4.16 -32.88 -18.15
N LEU G 35 -2.91 -32.59 -17.80
CA LEU G 35 -2.57 -32.07 -16.48
C LEU G 35 -3.30 -30.76 -16.17
N VAL G 36 -3.33 -29.87 -17.15
CA VAL G 36 -4.00 -28.57 -17.01
C VAL G 36 -5.53 -28.72 -16.94
N GLU G 37 -6.10 -29.54 -17.83
CA GLU G 37 -7.53 -29.87 -17.79
C GLU G 37 -7.98 -30.40 -16.43
N ASN G 38 -7.16 -31.27 -15.85
CA ASN G 38 -7.43 -31.84 -14.53
C ASN G 38 -7.63 -30.79 -13.45
N GLU G 39 -6.92 -29.66 -13.60
CA GLU G 39 -6.95 -28.61 -12.59
C GLU G 39 -7.93 -27.47 -12.93
N LEU G 40 -8.08 -27.19 -14.22
CA LEU G 40 -8.77 -25.98 -14.67
C LEU G 40 -10.05 -26.21 -15.46
N MET G 41 -10.47 -27.47 -15.61
CA MET G 41 -11.77 -27.77 -16.20
C MET G 41 -12.56 -28.67 -15.24
N GLU G 42 -13.83 -28.32 -15.00
CA GLU G 42 -14.72 -29.11 -14.12
C GLU G 42 -16.02 -28.37 -13.84
N GLU G 46 -17.21 -34.64 -9.51
CA GLU G 46 -16.28 -33.78 -10.22
C GLU G 46 -14.82 -34.13 -9.92
N GLU G 47 -14.63 -35.28 -9.28
CA GLU G 47 -13.36 -35.72 -8.73
C GLU G 47 -12.21 -35.84 -9.76
N LYS G 48 -11.09 -35.21 -9.44
CA LYS G 48 -9.98 -35.15 -10.38
C LYS G 48 -9.15 -36.43 -10.41
N ARG G 49 -8.47 -36.63 -11.52
CA ARG G 49 -7.66 -37.82 -11.72
C ARG G 49 -6.37 -37.73 -10.89
N THR G 50 -5.85 -38.89 -10.51
CA THR G 50 -4.56 -39.00 -9.85
C THR G 50 -3.49 -38.95 -10.93
N GLN G 51 -2.24 -38.77 -10.51
CA GLN G 51 -1.11 -38.84 -11.43
C GLN G 51 -1.06 -40.19 -12.13
N ASP G 52 -1.31 -41.24 -11.37
CA ASP G 52 -1.32 -42.63 -11.89
C ASP G 52 -2.42 -42.85 -12.92
N GLU G 53 -3.58 -42.23 -12.69
CA GLU G 53 -4.69 -42.35 -13.65
C GLU G 53 -4.39 -41.58 -14.92
N MET G 54 -3.75 -40.41 -14.78
CA MET G 54 -3.38 -39.60 -15.93
C MET G 54 -2.30 -40.32 -16.75
N ALA G 55 -1.32 -40.90 -16.06
CA ALA G 55 -0.29 -41.73 -16.71
C ALA G 55 -0.92 -42.87 -17.52
N ASN G 56 -1.86 -43.60 -16.91
CA ASN G 56 -2.58 -44.67 -17.60
C ASN G 56 -3.32 -44.17 -18.84
N GLU G 57 -4.05 -43.06 -18.68
CA GLU G 57 -4.80 -42.43 -19.76
C GLU G 57 -3.91 -42.08 -20.95
N LEU G 58 -2.74 -41.52 -20.65
CA LEU G 58 -1.77 -41.18 -21.68
C LEU G 58 -1.08 -42.40 -22.28
N GLY G 59 -1.13 -43.53 -21.56
CA GLY G 59 -0.41 -44.74 -21.95
C GLY G 59 1.09 -44.63 -21.72
N ILE G 60 1.46 -43.98 -20.62
CA ILE G 60 2.85 -43.89 -20.18
C ILE G 60 2.99 -44.35 -18.73
N ASN G 61 4.22 -44.68 -18.32
CA ASN G 61 4.49 -45.08 -16.94
C ASN G 61 4.49 -43.85 -16.02
N ARG G 62 4.08 -44.05 -14.76
CA ARG G 62 4.12 -42.99 -13.74
C ARG G 62 5.48 -42.29 -13.67
N THR G 63 6.56 -43.04 -13.90
CA THR G 63 7.91 -42.48 -13.80
C THR G 63 8.24 -41.52 -14.95
N THR G 64 7.72 -41.81 -16.14
CA THR G 64 7.83 -40.93 -17.31
C THR G 64 7.11 -39.57 -17.09
N LEU G 65 5.90 -39.63 -16.54
CA LEU G 65 5.15 -38.40 -16.23
C LEU G 65 5.92 -37.56 -15.23
N TRP G 66 6.44 -38.21 -14.20
CA TRP G 66 7.18 -37.56 -13.14
C TRP G 66 8.47 -36.93 -13.68
N GLU G 67 9.18 -37.66 -14.53
CA GLU G 67 10.35 -37.15 -15.24
C GLU G 67 10.03 -35.90 -16.08
N TRP G 68 8.93 -35.94 -16.83
CA TRP G 68 8.54 -34.77 -17.64
C TRP G 68 8.25 -33.53 -16.77
N ARG G 69 7.54 -33.76 -15.67
CA ARG G 69 7.13 -32.67 -14.76
C ARG G 69 8.31 -32.08 -13.98
N THR G 70 9.38 -32.85 -13.79
CA THR G 70 10.49 -32.43 -12.92
C THR G 70 11.80 -32.11 -13.65
N LYS G 71 12.05 -32.76 -14.78
CA LYS G 71 13.36 -32.62 -15.42
C LYS G 71 13.31 -32.05 -16.83
N ASN G 72 12.12 -31.95 -17.41
CA ASN G 72 11.99 -31.47 -18.78
C ASN G 72 11.55 -30.01 -18.79
N GLN G 73 12.50 -29.11 -19.02
CA GLN G 73 12.22 -27.68 -18.97
C GLN G 73 11.31 -27.20 -20.10
N ASP G 74 11.42 -27.82 -21.27
CA ASP G 74 10.51 -27.51 -22.38
C ASP G 74 9.04 -27.89 -22.07
N PHE G 75 8.85 -29.05 -21.44
CA PHE G 75 7.53 -29.51 -21.01
C PHE G 75 6.92 -28.58 -19.96
N ILE G 76 7.71 -28.23 -18.94
CA ILE G 76 7.29 -27.30 -17.88
C ILE G 76 6.88 -25.95 -18.48
N ALA G 77 7.71 -25.39 -19.35
CA ALA G 77 7.45 -24.10 -20.00
C ALA G 77 6.17 -24.12 -20.84
N PHE G 78 5.99 -25.20 -21.60
CA PHE G 78 4.81 -25.34 -22.45
C PHE G 78 3.55 -25.48 -21.60
N LYS G 79 3.62 -26.32 -20.57
CA LYS G 79 2.50 -26.55 -19.67
C LYS G 79 2.07 -25.26 -18.97
N SER G 80 3.03 -24.40 -18.61
CA SER G 80 2.70 -23.12 -17.99
C SER G 80 1.93 -22.19 -18.95
N GLU G 81 2.28 -22.25 -20.23
CA GLU G 81 1.60 -21.43 -21.23
C GLU G 81 0.17 -21.94 -21.46
N VAL G 82 0.00 -23.26 -21.44
CA VAL G 82 -1.33 -23.88 -21.52
C VAL G 82 -2.21 -23.50 -20.31
N ALA G 83 -1.60 -23.53 -19.12
CA ALA G 83 -2.27 -23.06 -17.89
C ALA G 83 -2.78 -21.62 -18.04
N ASP G 84 -1.92 -20.75 -18.56
CA ASP G 84 -2.29 -19.36 -18.84
C ASP G 84 -3.49 -19.29 -19.79
N SER G 85 -3.48 -20.13 -20.83
CA SER G 85 -4.57 -20.13 -21.82
C SER G 85 -5.89 -20.54 -21.19
N PHE G 86 -5.86 -21.61 -20.39
CA PHE G 86 -7.06 -22.05 -19.66
C PHE G 86 -7.58 -20.98 -18.70
N LEU G 87 -6.68 -20.31 -18.00
CA LEU G 87 -7.07 -19.21 -17.11
C LEU G 87 -7.69 -18.05 -17.88
N ALA G 88 -7.05 -17.69 -19.00
CA ALA G 88 -7.53 -16.60 -19.85
C ALA G 88 -8.96 -16.83 -20.32
N GLU G 89 -9.27 -18.09 -20.65
CA GLU G 89 -10.57 -18.47 -21.21
C GLU G 89 -11.73 -18.29 -20.20
N LYS G 90 -11.40 -18.14 -18.92
CA LYS G 90 -12.41 -17.99 -17.86
C LYS G 90 -12.96 -16.56 -17.76
N ARG G 91 -12.51 -15.65 -18.63
CA ARG G 91 -12.74 -14.22 -18.43
C ARG G 91 -14.20 -13.85 -18.15
N GLU G 92 -15.13 -14.35 -18.96
CA GLU G 92 -16.53 -13.94 -18.78
C GLU G 92 -17.11 -14.45 -17.45
N GLN G 93 -16.63 -15.60 -16.98
CA GLN G 93 -17.05 -16.12 -15.67
C GLN G 93 -16.55 -15.25 -14.54
N VAL G 94 -15.33 -14.74 -14.65
CA VAL G 94 -14.81 -13.80 -13.63
C VAL G 94 -15.61 -12.50 -13.65
N TYR G 95 -15.90 -12.02 -14.86
CA TYR G 95 -16.66 -10.79 -15.01
C TYR G 95 -18.05 -10.95 -14.42
N SER G 96 -18.65 -12.11 -14.63
CA SER G 96 -19.97 -12.42 -14.07
C SER G 96 -19.97 -12.28 -12.55
N LYS G 97 -18.98 -12.88 -11.89
CA LYS G 97 -18.90 -12.82 -10.43
C LYS G 97 -18.64 -11.39 -9.94
N LEU G 98 -17.76 -10.67 -10.63
CA LEU G 98 -17.51 -9.26 -10.36
C LEU G 98 -18.82 -8.48 -10.36
N MET G 99 -19.62 -8.60 -11.43
CA MET G 99 -20.92 -7.89 -11.50
C MET G 99 -21.93 -8.35 -10.40
N GLN G 100 -21.94 -9.64 -10.10
CA GLN G 100 -22.77 -10.17 -9.01
C GLN G 100 -22.43 -9.54 -7.66
N LEU G 101 -21.14 -9.31 -7.39
CA LEU G 101 -20.74 -8.66 -6.12
C LEU G 101 -21.15 -7.20 -6.10
N ILE G 102 -21.07 -6.54 -7.25
CA ILE G 102 -21.50 -5.12 -7.38
C ILE G 102 -23.01 -4.96 -7.20
N LEU G 103 -23.80 -5.82 -7.82
CA LEU G 103 -25.24 -5.64 -7.89
C LEU G 103 -25.99 -6.42 -6.83
N GLY G 104 -25.27 -7.20 -6.04
CA GLY G 104 -25.90 -8.11 -5.10
C GLY G 104 -26.42 -7.38 -3.88
N PRO G 105 -26.92 -8.13 -2.89
CA PRO G 105 -27.52 -7.52 -1.70
C PRO G 105 -26.49 -6.75 -0.88
N GLN G 106 -25.22 -7.09 -1.04
CA GLN G 106 -24.12 -6.40 -0.35
C GLN G 106 -23.10 -5.77 -1.32
N PRO G 107 -23.47 -4.67 -2.02
CA PRO G 107 -22.57 -4.19 -3.07
C PRO G 107 -21.13 -3.99 -2.60
N SER G 108 -20.20 -4.59 -3.33
CA SER G 108 -18.77 -4.52 -3.05
C SER G 108 -18.10 -3.30 -3.71
N VAL G 109 -17.64 -2.35 -2.89
CA VAL G 109 -16.93 -1.18 -3.42
C VAL G 109 -15.59 -1.59 -3.99
N LYS G 110 -14.96 -2.63 -3.42
CA LYS G 110 -13.70 -3.12 -4.01
C LYS G 110 -13.92 -3.63 -5.44
N ALA G 111 -15.01 -4.35 -5.65
CA ALA G 111 -15.37 -4.84 -6.99
C ALA G 111 -15.66 -3.69 -7.95
N MET G 112 -16.35 -2.66 -7.46
CA MET G 112 -16.52 -1.42 -8.26
C MET G 112 -15.18 -0.78 -8.64
N GLN G 113 -14.22 -0.74 -7.70
CA GLN G 113 -12.89 -0.22 -8.02
C GLN G 113 -12.25 -1.01 -9.17
N LEU G 114 -12.31 -2.35 -9.12
CA LEU G 114 -11.77 -3.19 -10.20
C LEU G 114 -12.45 -2.92 -11.54
N TYR G 115 -13.77 -2.80 -11.49
CA TYR G 115 -14.54 -2.45 -12.68
C TYR G 115 -14.05 -1.15 -13.29
N MET G 116 -13.89 -0.12 -12.47
CA MET G 116 -13.53 1.22 -12.98
C MET G 116 -12.09 1.25 -13.52
N GLN G 117 -11.19 0.54 -12.84
CA GLN G 117 -9.82 0.33 -13.31
C GLN G 117 -9.75 -0.46 -14.62
N ARG G 118 -10.61 -1.46 -14.75
CA ARG G 118 -10.64 -2.24 -15.98
C ARG G 118 -10.78 -1.33 -17.22
N PHE G 119 -11.57 -0.26 -17.10
CA PHE G 119 -11.84 0.62 -18.23
C PHE G 119 -11.09 1.96 -18.14
N GLY G 120 -10.11 2.04 -17.25
CA GLY G 120 -9.26 3.21 -17.12
C GLY G 120 -10.04 4.45 -16.72
N LEU G 121 -11.04 4.27 -15.85
CA LEU G 121 -11.95 5.35 -15.49
C LEU G 121 -11.47 6.23 -14.33
N LEU G 122 -10.40 5.78 -13.66
CA LEU G 122 -9.90 6.46 -12.47
C LEU G 122 -8.61 7.21 -12.74
N THR G 123 -8.58 8.49 -12.36
CA THR G 123 -7.43 9.35 -12.59
C THR G 123 -7.03 10.06 -11.30
N ASP G 124 -5.73 10.03 -11.01
CA ASP G 124 -5.16 10.90 -9.98
C ASP G 124 -4.32 12.00 -10.59
N LYS G 125 -4.25 13.13 -9.91
CA LYS G 125 -3.28 14.15 -10.24
C LYS G 125 -2.03 13.89 -9.41
N LYS G 126 -0.88 13.97 -10.06
CA LYS G 126 0.40 13.86 -9.39
C LYS G 126 1.15 15.17 -9.51
N VAL G 127 1.52 15.74 -8.36
CA VAL G 127 2.41 16.89 -8.35
C VAL G 127 3.78 16.37 -7.92
N ILE G 128 4.82 16.79 -8.65
CA ILE G 128 6.19 16.33 -8.39
C ILE G 128 7.15 17.52 -8.30
N GLU G 129 7.89 17.58 -7.20
CA GLU G 129 8.90 18.62 -6.95
C GLU G 129 10.03 18.02 -6.09
N GLY G 130 11.31 18.28 -6.35
CA GLY G 130 11.84 18.87 -7.57
C GLY G 130 13.08 18.11 -8.00
N ASP G 131 14.20 18.35 -7.32
CA ASP G 131 15.55 17.97 -7.82
C ASP G 131 16.07 16.55 -7.54
N LEU G 132 16.32 15.80 -8.61
CA LEU G 132 17.04 14.53 -8.56
C LEU G 132 18.53 14.70 -8.79
N ALA H 15 30.27 -14.96 -3.50
CA ALA H 15 31.58 -14.34 -3.87
C ALA H 15 32.18 -13.56 -2.71
N LYS H 16 31.34 -12.83 -2.00
CA LYS H 16 31.75 -12.06 -0.82
C LYS H 16 32.28 -12.98 0.28
N LEU H 17 31.72 -14.18 0.37
CA LEU H 17 32.16 -15.19 1.33
C LEU H 17 33.61 -15.58 1.12
N ASP H 18 34.01 -15.71 -0.15
CA ASP H 18 35.36 -16.09 -0.54
C ASP H 18 36.41 -15.06 -0.13
N GLU H 19 36.12 -13.78 -0.33
CA GLU H 19 37.02 -12.71 0.07
C GLU H 19 37.19 -12.72 1.59
N LEU H 20 36.09 -12.85 2.31
CA LEU H 20 36.10 -12.85 3.76
C LEU H 20 36.63 -14.16 4.36
N LYS H 21 36.61 -15.22 3.56
CA LYS H 21 37.06 -16.55 3.98
C LYS H 21 38.58 -16.68 4.04
N GLN H 22 39.28 -15.95 3.16
CA GLN H 22 40.75 -16.06 3.05
C GLN H 22 41.48 -15.41 4.24
N LYS H 23 40.77 -14.60 5.02
CA LYS H 23 41.35 -13.95 6.19
C LYS H 23 41.31 -14.83 7.45
N LEU H 24 40.62 -15.97 7.34
CA LEU H 24 40.29 -16.82 8.50
C LEU H 24 40.91 -18.21 8.41
N THR H 25 41.17 -18.82 9.56
CA THR H 25 41.69 -20.20 9.61
C THR H 25 40.52 -21.16 9.39
N ALA H 26 40.86 -22.40 9.06
CA ALA H 26 39.89 -23.47 8.89
C ALA H 26 38.99 -23.55 10.12
N LYS H 27 39.63 -23.48 11.29
CA LYS H 27 38.92 -23.55 12.56
C LYS H 27 37.95 -22.40 12.76
N GLN H 28 38.38 -21.18 12.45
CA GLN H 28 37.50 -20.01 12.55
C GLN H 28 36.33 -20.14 11.58
N ILE H 29 36.61 -20.66 10.39
CA ILE H 29 35.58 -20.89 9.38
C ILE H 29 34.53 -21.89 9.88
N GLN H 30 34.97 -23.05 10.38
CA GLN H 30 34.04 -24.01 10.99
C GLN H 30 33.25 -23.42 12.16
N ALA H 31 33.94 -22.63 12.99
CA ALA H 31 33.31 -21.93 14.09
C ALA H 31 32.15 -21.05 13.63
N ALA H 32 32.38 -20.25 12.58
CA ALA H 32 31.34 -19.35 12.06
C ALA H 32 30.09 -20.11 11.62
N TYR H 33 30.28 -21.22 10.91
CA TYR H 33 29.16 -22.07 10.47
C TYR H 33 28.35 -22.66 11.63
N LEU H 34 29.07 -23.08 12.67
CA LEU H 34 28.43 -23.71 13.82
C LEU H 34 27.67 -22.71 14.71
N LEU H 35 28.26 -21.53 14.91
CA LEU H 35 27.59 -20.46 15.64
C LEU H 35 26.29 -19.99 14.96
N VAL H 36 26.32 -19.85 13.65
CA VAL H 36 25.15 -19.41 12.87
C VAL H 36 24.01 -20.43 12.97
N GLU H 37 24.34 -21.70 12.75
CA GLU H 37 23.36 -22.78 12.90
C GLU H 37 22.71 -22.75 14.28
N ASN H 38 23.52 -22.54 15.32
CA ASN H 38 23.02 -22.52 16.68
C ASN H 38 22.10 -21.32 16.96
N GLU H 39 22.48 -20.14 16.48
CA GLU H 39 21.73 -18.93 16.82
C GLU H 39 20.47 -18.78 15.98
N LEU H 40 20.42 -19.45 14.84
CA LEU H 40 19.27 -19.37 13.95
C LEU H 40 18.21 -20.41 14.29
N MET H 41 18.61 -21.35 15.16
CA MET H 41 17.69 -22.28 15.80
C MET H 41 16.64 -21.49 16.59
N GLU H 42 15.48 -22.10 16.79
CA GLU H 42 14.45 -21.51 17.65
C GLU H 42 14.99 -21.26 19.04
N SER H 43 14.68 -20.07 19.56
CA SER H 43 15.14 -19.64 20.88
C SER H 43 14.66 -20.57 22.00
N GLU H 46 15.88 -25.81 22.29
CA GLU H 46 15.39 -27.18 22.43
C GLU H 46 16.53 -28.20 22.31
N GLU H 47 17.54 -27.83 21.51
CA GLU H 47 18.68 -28.67 21.19
C GLU H 47 19.89 -27.76 21.01
N LYS H 48 19.72 -26.49 21.35
CA LYS H 48 20.76 -25.50 21.15
C LYS H 48 21.79 -25.47 22.29
N ARG H 49 23.06 -25.41 21.90
CA ARG H 49 24.19 -25.52 22.80
C ARG H 49 24.59 -24.17 23.37
N THR H 50 25.37 -24.19 24.45
CA THR H 50 25.92 -22.96 25.03
C THR H 50 27.27 -22.66 24.37
N GLN H 51 27.80 -21.46 24.63
CA GLN H 51 29.09 -21.03 24.08
C GLN H 51 30.23 -21.93 24.52
N ASP H 52 30.17 -22.42 25.77
CA ASP H 52 31.14 -23.39 26.29
C ASP H 52 30.93 -24.76 25.63
N GLU H 53 29.67 -25.10 25.39
CA GLU H 53 29.29 -26.31 24.64
C GLU H 53 29.51 -26.12 23.14
N MET H 54 30.02 -24.95 22.74
CA MET H 54 30.43 -24.71 21.35
C MET H 54 31.93 -24.45 21.26
N ALA H 55 32.65 -24.89 22.28
CA ALA H 55 34.11 -24.85 22.30
C ALA H 55 34.67 -26.28 22.25
N ASN H 56 33.91 -27.21 22.82
CA ASN H 56 34.28 -28.63 22.87
C ASN H 56 34.36 -29.31 21.49
N GLU H 57 33.31 -29.15 20.69
CA GLU H 57 33.27 -29.75 19.34
C GLU H 57 34.40 -29.22 18.46
N LEU H 58 34.66 -27.92 18.58
CA LEU H 58 35.72 -27.27 17.82
C LEU H 58 37.11 -27.53 18.40
N GLY H 59 37.15 -27.84 19.70
CA GLY H 59 38.40 -28.15 20.41
C GLY H 59 39.23 -26.91 20.72
N ILE H 60 38.57 -25.86 21.20
CA ILE H 60 39.24 -24.60 21.54
C ILE H 60 38.79 -24.04 22.89
N ASN H 61 39.56 -23.10 23.44
CA ASN H 61 39.23 -22.43 24.70
C ASN H 61 38.07 -21.43 24.55
N ARG H 62 37.27 -21.29 25.60
CA ARG H 62 36.07 -20.44 25.61
C ARG H 62 36.34 -18.95 25.38
N THR H 63 37.53 -18.48 25.76
CA THR H 63 37.90 -17.07 25.59
C THR H 63 38.30 -16.79 24.14
N THR H 64 38.80 -17.82 23.47
CA THR H 64 39.19 -17.74 22.06
C THR H 64 37.95 -17.53 21.17
N LEU H 65 36.91 -18.32 21.39
CA LEU H 65 35.66 -18.20 20.66
C LEU H 65 34.97 -16.86 20.94
N TRP H 66 35.04 -16.41 22.20
CA TRP H 66 34.50 -15.10 22.59
C TRP H 66 35.24 -13.95 21.92
N GLU H 67 36.57 -14.08 21.79
CA GLU H 67 37.38 -13.08 21.10
C GLU H 67 37.09 -13.02 19.61
N TRP H 68 36.93 -14.19 18.99
CA TRP H 68 36.54 -14.26 17.59
C TRP H 68 35.19 -13.56 17.39
N ARG H 69 34.20 -13.92 18.21
CA ARG H 69 32.82 -13.42 18.09
C ARG H 69 32.66 -11.92 18.26
N THR H 70 33.45 -11.34 19.15
CA THR H 70 33.23 -9.96 19.59
C THR H 70 34.28 -8.95 19.11
N LYS H 71 35.52 -9.41 18.96
CA LYS H 71 36.67 -8.54 18.72
C LYS H 71 37.34 -8.72 17.35
N ASN H 72 37.02 -9.83 16.68
CA ASN H 72 37.63 -10.14 15.39
C ASN H 72 36.74 -9.69 14.22
N GLN H 73 37.11 -8.57 13.61
CA GLN H 73 36.29 -7.95 12.57
C GLN H 73 36.10 -8.81 11.31
N ASP H 74 37.12 -9.59 10.97
CA ASP H 74 37.03 -10.52 9.83
C ASP H 74 36.10 -11.69 10.12
N PHE H 75 36.16 -12.21 11.33
CA PHE H 75 35.25 -13.26 11.79
C PHE H 75 33.79 -12.79 11.78
N ILE H 76 33.57 -11.60 12.35
CA ILE H 76 32.24 -10.99 12.42
C ILE H 76 31.61 -10.79 11.03
N ALA H 77 32.39 -10.29 10.09
CA ALA H 77 31.92 -10.06 8.72
C ALA H 77 31.57 -11.36 7.99
N PHE H 78 32.43 -12.36 8.14
CA PHE H 78 32.20 -13.65 7.53
C PHE H 78 30.95 -14.30 8.12
N LYS H 79 30.86 -14.28 9.45
CA LYS H 79 29.69 -14.86 10.12
C LYS H 79 28.36 -14.25 9.64
N SER H 80 28.34 -12.95 9.36
CA SER H 80 27.14 -12.33 8.78
C SER H 80 26.77 -12.86 7.40
N GLU H 81 27.78 -13.05 6.52
CA GLU H 81 27.53 -13.66 5.21
C GLU H 81 27.04 -15.11 5.35
N VAL H 82 27.62 -15.82 6.31
CA VAL H 82 27.22 -17.20 6.61
C VAL H 82 25.74 -17.29 7.08
N ALA H 83 25.29 -16.32 7.87
CA ALA H 83 23.88 -16.26 8.30
C ALA H 83 22.93 -16.07 7.11
N ASP H 84 23.30 -15.18 6.19
CA ASP H 84 22.56 -14.98 4.95
C ASP H 84 22.52 -16.26 4.12
N SER H 85 23.68 -16.92 3.99
CA SER H 85 23.75 -18.22 3.31
C SER H 85 22.80 -19.27 3.92
N PHE H 86 22.79 -19.35 5.26
CA PHE H 86 21.89 -20.27 5.98
C PHE H 86 20.41 -20.06 5.59
N LEU H 87 19.95 -18.81 5.62
CA LEU H 87 18.57 -18.50 5.25
C LEU H 87 18.30 -18.83 3.78
N ALA H 88 19.27 -18.50 2.93
CA ALA H 88 19.15 -18.74 1.50
C ALA H 88 18.92 -20.21 1.18
N GLU H 89 19.58 -21.09 1.91
CA GLU H 89 19.53 -22.53 1.66
C GLU H 89 18.16 -23.14 1.98
N LYS H 90 17.33 -22.41 2.74
CA LYS H 90 16.03 -22.94 3.17
C LYS H 90 14.94 -22.69 2.12
N ARG H 91 15.33 -22.25 0.93
CA ARG H 91 14.36 -21.80 -0.06
C ARG H 91 13.24 -22.82 -0.33
N GLU H 92 13.61 -24.07 -0.59
CA GLU H 92 12.58 -25.06 -0.93
C GLU H 92 11.64 -25.36 0.25
N GLN H 93 12.15 -25.25 1.47
CA GLN H 93 11.29 -25.37 2.66
C GLN H 93 10.30 -24.22 2.79
N VAL H 94 10.76 -23.00 2.49
CA VAL H 94 9.84 -21.86 2.42
C VAL H 94 8.77 -22.07 1.33
N TYR H 95 9.20 -22.46 0.12
CA TYR H 95 8.27 -22.71 -0.99
C TYR H 95 7.22 -23.76 -0.64
N SER H 96 7.61 -24.79 0.13
CA SER H 96 6.70 -25.84 0.55
C SER H 96 5.57 -25.29 1.42
N LYS H 97 5.92 -24.41 2.36
CA LYS H 97 4.91 -23.78 3.22
C LYS H 97 3.97 -22.88 2.40
N LEU H 98 4.55 -22.14 1.45
CA LEU H 98 3.77 -21.31 0.54
C LEU H 98 2.71 -22.13 -0.20
N MET H 99 3.13 -23.25 -0.79
CA MET H 99 2.19 -24.12 -1.50
C MET H 99 1.13 -24.73 -0.57
N GLN H 100 1.54 -25.10 0.63
CA GLN H 100 0.59 -25.62 1.62
C GLN H 100 -0.51 -24.60 1.90
N LEU H 101 -0.16 -23.31 2.03
CA LEU H 101 -1.18 -22.27 2.29
C LEU H 101 -2.14 -22.06 1.09
N ILE H 102 -1.60 -22.20 -0.11
CA ILE H 102 -2.41 -22.12 -1.33
C ILE H 102 -3.37 -23.31 -1.48
N LEU H 103 -2.88 -24.51 -1.19
CA LEU H 103 -3.64 -25.75 -1.46
C LEU H 103 -4.47 -26.23 -0.28
N GLY H 104 -4.31 -25.60 0.88
CA GLY H 104 -5.03 -26.02 2.09
C GLY H 104 -6.53 -25.74 2.08
N PRO H 105 -7.24 -26.12 3.16
CA PRO H 105 -8.71 -25.92 3.21
C PRO H 105 -9.17 -24.46 3.34
N GLN H 106 -8.25 -23.55 3.63
CA GLN H 106 -8.53 -22.11 3.58
C GLN H 106 -7.47 -21.44 2.70
N PRO H 107 -7.58 -21.60 1.37
CA PRO H 107 -6.55 -21.10 0.46
C PRO H 107 -6.28 -19.64 0.68
N SER H 108 -5.00 -19.30 0.80
CA SER H 108 -4.55 -17.97 1.13
C SER H 108 -4.35 -17.19 -0.17
N VAL H 109 -5.16 -16.16 -0.37
CA VAL H 109 -5.01 -15.30 -1.54
C VAL H 109 -3.70 -14.55 -1.48
N LYS H 110 -3.26 -14.18 -0.28
CA LYS H 110 -1.98 -13.51 -0.15
C LYS H 110 -0.85 -14.43 -0.61
N ALA H 111 -0.92 -15.72 -0.26
CA ALA H 111 0.11 -16.69 -0.72
C ALA H 111 0.10 -16.81 -2.24
N MET H 112 -1.10 -16.81 -2.83
CA MET H 112 -1.24 -16.79 -4.31
C MET H 112 -0.63 -15.55 -4.92
N GLN H 113 -0.80 -14.39 -4.27
CA GLN H 113 -0.18 -13.17 -4.78
C GLN H 113 1.35 -13.30 -4.83
N LEU H 114 1.92 -13.80 -3.74
CA LEU H 114 3.36 -13.99 -3.61
C LEU H 114 3.89 -14.98 -4.63
N TYR H 115 3.16 -16.07 -4.84
CA TYR H 115 3.52 -17.04 -5.90
C TYR H 115 3.63 -16.31 -7.26
N MET H 116 2.60 -15.53 -7.57
CA MET H 116 2.49 -14.87 -8.86
C MET H 116 3.58 -13.80 -9.05
N GLN H 117 3.87 -13.06 -7.98
CA GLN H 117 4.98 -12.09 -7.96
C GLN H 117 6.36 -12.71 -8.11
N ARG H 118 6.55 -13.89 -7.52
CA ARG H 118 7.80 -14.64 -7.69
C ARG H 118 8.15 -14.81 -9.17
N PHE H 119 7.13 -15.08 -9.99
CA PHE H 119 7.37 -15.36 -11.40
C PHE H 119 7.03 -14.18 -12.31
N GLY H 120 6.86 -13.01 -11.70
CA GLY H 120 6.57 -11.76 -12.42
C GLY H 120 5.29 -11.81 -13.24
N LEU H 121 4.27 -12.46 -12.69
CA LEU H 121 3.03 -12.73 -13.43
C LEU H 121 1.97 -11.64 -13.31
N LEU H 122 2.18 -10.70 -12.39
CA LEU H 122 1.21 -9.62 -12.16
C LEU H 122 1.66 -8.29 -12.75
N THR H 123 0.79 -7.68 -13.54
CA THR H 123 1.07 -6.41 -14.21
C THR H 123 0.16 -5.31 -13.68
N ASP H 124 0.75 -4.14 -13.42
CA ASP H 124 -0.02 -2.91 -13.23
C ASP H 124 0.14 -2.04 -14.46
N LYS H 125 -0.96 -1.62 -15.06
CA LYS H 125 -0.90 -0.70 -16.19
C LYS H 125 -1.12 0.72 -15.72
N LYS H 126 -0.27 1.62 -16.22
CA LYS H 126 -0.35 3.05 -15.92
C LYS H 126 -0.40 3.87 -17.19
N VAL H 127 -1.33 4.81 -17.25
CA VAL H 127 -1.44 5.75 -18.36
C VAL H 127 -1.14 7.15 -17.82
N ILE H 128 -0.06 7.74 -18.33
CA ILE H 128 0.46 8.99 -17.78
C ILE H 128 0.27 10.13 -18.78
N GLU H 129 -0.27 11.25 -18.28
CA GLU H 129 -0.42 12.47 -19.07
C GLU H 129 0.45 13.57 -18.47
N GLY H 130 1.02 14.39 -19.34
CA GLY H 130 2.22 15.17 -19.03
C GLY H 130 2.01 16.46 -18.28
N LYS I 23 -23.71 14.09 -34.58
CA LYS I 23 -24.87 14.74 -33.90
C LYS I 23 -26.16 13.91 -33.96
N LEU I 24 -27.10 14.24 -33.07
CA LEU I 24 -28.28 13.44 -32.86
C LEU I 24 -29.56 14.24 -33.11
N THR I 25 -30.65 13.53 -33.35
CA THR I 25 -31.99 14.13 -33.42
C THR I 25 -32.49 14.50 -32.02
N ALA I 26 -33.50 15.38 -31.96
CA ALA I 26 -34.06 15.86 -30.70
C ALA I 26 -34.59 14.76 -29.78
N LYS I 27 -35.31 13.80 -30.38
CA LYS I 27 -35.86 12.65 -29.65
C LYS I 27 -34.78 11.69 -29.15
N GLN I 28 -33.71 11.54 -29.92
CA GLN I 28 -32.55 10.75 -29.52
C GLN I 28 -31.83 11.40 -28.34
N ILE I 29 -31.73 12.74 -28.36
CA ILE I 29 -31.17 13.52 -27.24
C ILE I 29 -32.05 13.41 -25.98
N GLN I 30 -33.37 13.52 -26.18
CA GLN I 30 -34.34 13.31 -25.11
C GLN I 30 -34.31 11.86 -24.61
N ALA I 31 -34.19 10.92 -25.54
CA ALA I 31 -34.14 9.48 -25.26
C ALA I 31 -32.92 9.04 -24.44
N ALA I 32 -31.79 9.69 -24.67
CA ALA I 32 -30.57 9.41 -23.92
C ALA I 32 -30.67 9.91 -22.48
N TYR I 33 -31.06 11.17 -22.32
CA TYR I 33 -31.27 11.81 -21.01
C TYR I 33 -32.25 11.03 -20.15
N LEU I 34 -33.32 10.55 -20.77
CA LEU I 34 -34.36 9.78 -20.09
C LEU I 34 -33.86 8.43 -19.54
N LEU I 35 -33.10 7.69 -20.35
CA LEU I 35 -32.64 6.36 -19.94
C LEU I 35 -31.63 6.38 -18.80
N VAL I 36 -30.63 7.24 -18.89
CA VAL I 36 -29.59 7.35 -17.87
C VAL I 36 -30.19 7.74 -16.52
N GLU I 37 -31.21 8.59 -16.59
CA GLU I 37 -32.03 8.95 -15.42
C GLU I 37 -32.53 7.72 -14.67
N ASN I 38 -32.78 6.63 -15.39
CA ASN I 38 -33.27 5.38 -14.81
C ASN I 38 -32.38 4.75 -13.73
N GLU I 39 -31.05 4.84 -13.89
CA GLU I 39 -30.11 4.34 -12.87
C GLU I 39 -29.57 5.48 -12.02
N LEU I 40 -29.47 6.66 -12.62
CA LEU I 40 -28.78 7.79 -12.03
C LEU I 40 -29.71 8.99 -11.73
N LYS I 48 -38.83 3.61 -10.87
CA LYS I 48 -37.95 3.04 -11.88
C LYS I 48 -38.76 2.45 -13.04
N ARG I 49 -38.06 2.05 -14.10
CA ARG I 49 -38.67 1.39 -15.25
C ARG I 49 -37.79 0.23 -15.77
N THR I 50 -38.39 -0.95 -15.92
CA THR I 50 -37.68 -2.14 -16.39
C THR I 50 -37.36 -2.07 -17.88
N GLN I 51 -36.59 -3.03 -18.38
CA GLN I 51 -36.13 -3.06 -19.77
C GLN I 51 -37.28 -2.89 -20.79
N ASP I 52 -38.33 -3.71 -20.66
CA ASP I 52 -39.49 -3.64 -21.56
C ASP I 52 -40.33 -2.38 -21.32
N GLU I 53 -40.48 -1.98 -20.05
CA GLU I 53 -41.12 -0.72 -19.71
C GLU I 53 -40.43 0.45 -20.41
N MET I 54 -39.10 0.45 -20.36
CA MET I 54 -38.29 1.44 -21.05
C MET I 54 -38.46 1.34 -22.57
N ALA I 55 -38.49 0.11 -23.07
CA ALA I 55 -38.69 -0.16 -24.50
C ALA I 55 -40.04 0.34 -25.00
N ASN I 56 -41.07 0.23 -24.15
CA ASN I 56 -42.42 0.69 -24.47
C ASN I 56 -42.54 2.21 -24.49
N GLU I 57 -41.81 2.87 -23.58
CA GLU I 57 -41.74 4.33 -23.53
C GLU I 57 -41.09 4.91 -24.78
N LEU I 58 -40.00 4.28 -25.23
CA LEU I 58 -39.25 4.73 -26.40
C LEU I 58 -40.01 4.52 -27.71
N GLY I 59 -41.00 3.64 -27.70
CA GLY I 59 -41.74 3.28 -28.90
C GLY I 59 -40.91 2.46 -29.86
N ILE I 60 -40.02 1.64 -29.31
CA ILE I 60 -39.18 0.73 -30.09
C ILE I 60 -39.43 -0.72 -29.64
N ASN I 61 -38.99 -1.67 -30.45
CA ASN I 61 -39.17 -3.10 -30.13
C ASN I 61 -38.21 -3.54 -29.03
N ARG I 62 -38.59 -4.59 -28.30
CA ARG I 62 -37.75 -5.17 -27.24
C ARG I 62 -36.40 -5.67 -27.79
N THR I 63 -36.46 -6.29 -28.97
CA THR I 63 -35.27 -6.81 -29.66
C THR I 63 -34.31 -5.68 -30.05
N THR I 64 -34.85 -4.57 -30.53
CA THR I 64 -34.06 -3.41 -30.96
C THR I 64 -33.21 -2.85 -29.81
N LEU I 65 -33.78 -2.84 -28.61
CA LEU I 65 -33.07 -2.39 -27.40
C LEU I 65 -31.87 -3.30 -27.10
N TRP I 66 -32.06 -4.61 -27.26
CA TRP I 66 -30.99 -5.59 -27.09
C TRP I 66 -29.85 -5.41 -28.09
N GLU I 67 -30.21 -5.10 -29.34
CA GLU I 67 -29.24 -4.91 -30.41
C GLU I 67 -28.31 -3.72 -30.14
N TRP I 68 -28.90 -2.60 -29.72
CA TRP I 68 -28.12 -1.40 -29.42
C TRP I 68 -27.19 -1.60 -28.23
N ARG I 69 -27.71 -2.17 -27.15
CA ARG I 69 -26.95 -2.43 -25.93
C ARG I 69 -25.85 -3.47 -26.16
N PHE I 75 -23.39 3.81 -29.99
CA PHE I 75 -24.43 3.90 -28.92
C PHE I 75 -23.78 4.38 -27.63
N ILE I 76 -22.70 3.72 -27.24
CA ILE I 76 -21.95 4.09 -26.03
C ILE I 76 -21.09 5.33 -26.26
N ALA I 77 -21.75 6.48 -26.52
CA ALA I 77 -21.06 7.74 -26.81
C ALA I 77 -21.71 8.96 -26.14
N PHE I 78 -22.83 9.45 -26.68
CA PHE I 78 -23.53 10.59 -26.07
C PHE I 78 -24.19 10.20 -24.74
N LYS I 79 -24.90 9.08 -24.77
CA LYS I 79 -25.55 8.54 -23.57
C LYS I 79 -24.52 8.37 -22.45
N SER I 80 -23.31 7.92 -22.79
CA SER I 80 -22.26 7.73 -21.78
C SER I 80 -21.76 9.05 -21.19
N GLU I 81 -21.70 10.08 -22.03
CA GLU I 81 -21.32 11.41 -21.59
C GLU I 81 -22.40 11.98 -20.66
N VAL I 82 -23.68 11.70 -20.96
CA VAL I 82 -24.75 12.19 -20.09
C VAL I 82 -24.69 11.47 -18.74
N ALA I 83 -24.29 10.20 -18.77
CA ALA I 83 -24.13 9.39 -17.58
C ALA I 83 -23.04 9.96 -16.68
N ASP I 84 -21.89 10.26 -17.29
CA ASP I 84 -20.78 10.93 -16.61
C ASP I 84 -21.23 12.30 -16.13
N SER I 85 -22.00 12.98 -16.97
CA SER I 85 -22.55 14.29 -16.62
C SER I 85 -23.51 14.21 -15.42
N PHE I 86 -24.32 13.15 -15.41
CA PHE I 86 -25.22 12.90 -14.29
C PHE I 86 -24.46 12.70 -12.98
N LEU I 87 -23.40 11.89 -13.01
CA LEU I 87 -22.56 11.64 -11.82
C LEU I 87 -21.84 12.93 -11.41
N ALA I 88 -21.32 13.64 -12.41
CA ALA I 88 -20.59 14.89 -12.18
C ALA I 88 -21.43 15.91 -11.42
N GLU I 89 -22.71 15.99 -11.75
CA GLU I 89 -23.60 16.99 -11.18
C GLU I 89 -23.91 16.75 -9.68
N LYS I 90 -23.67 15.54 -9.19
CA LYS I 90 -24.01 15.26 -7.79
C LYS I 90 -22.89 15.71 -6.84
N ARG I 91 -21.89 16.43 -7.35
CA ARG I 91 -20.72 16.77 -6.55
C ARG I 91 -21.01 17.30 -5.15
N GLU I 92 -21.90 18.31 -5.00
CA GLU I 92 -22.12 18.91 -3.67
C GLU I 92 -22.77 17.90 -2.71
N GLN I 93 -23.58 16.99 -3.25
CA GLN I 93 -24.21 15.93 -2.45
C GLN I 93 -23.19 14.95 -1.92
N VAL I 94 -22.19 14.64 -2.75
CA VAL I 94 -21.07 13.79 -2.30
C VAL I 94 -20.22 14.48 -1.22
N TYR I 95 -19.91 15.75 -1.45
CA TYR I 95 -19.18 16.57 -0.49
C TYR I 95 -19.91 16.69 0.85
N SER I 96 -21.24 16.78 0.79
CA SER I 96 -22.03 16.87 2.02
C SER I 96 -21.84 15.62 2.89
N LYS I 97 -21.96 14.45 2.27
CA LYS I 97 -21.71 13.17 2.97
C LYS I 97 -20.28 13.07 3.50
N LEU I 98 -19.32 13.55 2.72
CA LEU I 98 -17.92 13.55 3.19
C LEU I 98 -17.80 14.34 4.50
N MET I 99 -18.36 15.55 4.50
CA MET I 99 -18.27 16.40 5.70
C MET I 99 -19.04 15.79 6.88
N GLN I 100 -20.17 15.14 6.61
CA GLN I 100 -20.95 14.49 7.68
C GLN I 100 -20.12 13.41 8.37
N LEU I 101 -19.36 12.65 7.57
CA LEU I 101 -18.49 11.58 8.14
C LEU I 101 -17.36 12.16 8.99
N ILE I 102 -16.77 13.25 8.51
CA ILE I 102 -15.73 13.98 9.24
C ILE I 102 -16.23 14.58 10.55
N LEU I 103 -17.44 15.15 10.54
CA LEU I 103 -17.92 15.93 11.69
C LEU I 103 -18.89 15.17 12.59
N GLY I 104 -19.25 13.95 12.20
CA GLY I 104 -20.23 13.15 12.92
C GLY I 104 -19.68 12.64 14.24
N PRO I 105 -20.48 11.87 14.99
CA PRO I 105 -20.04 11.45 16.31
C PRO I 105 -18.88 10.48 16.25
N GLN I 106 -18.61 9.87 15.08
CA GLN I 106 -17.45 8.99 14.87
C GLN I 106 -16.54 9.47 13.73
N PRO I 107 -15.80 10.58 13.94
CA PRO I 107 -15.11 11.21 12.82
C PRO I 107 -14.28 10.23 12.02
N SER I 108 -14.42 10.26 10.70
CA SER I 108 -13.74 9.32 9.83
C SER I 108 -12.38 9.84 9.36
N VAL I 109 -11.32 9.18 9.80
CA VAL I 109 -9.99 9.60 9.38
C VAL I 109 -9.79 9.39 7.87
N LYS I 110 -10.36 8.34 7.32
CA LYS I 110 -10.29 8.14 5.88
C LYS I 110 -10.99 9.28 5.13
N ALA I 111 -12.13 9.75 5.62
CA ALA I 111 -12.79 10.91 4.98
C ALA I 111 -11.90 12.16 5.06
N MET I 112 -11.25 12.35 6.21
CA MET I 112 -10.27 13.45 6.36
C MET I 112 -9.14 13.29 5.34
N GLN I 113 -8.67 12.07 5.14
CA GLN I 113 -7.65 11.80 4.11
C GLN I 113 -8.10 12.30 2.72
N LEU I 114 -9.32 11.94 2.33
CA LEU I 114 -9.83 12.31 1.01
C LEU I 114 -10.01 13.81 0.89
N TYR I 115 -10.53 14.42 1.95
CA TYR I 115 -10.63 15.88 2.01
C TYR I 115 -9.26 16.56 1.72
N MET I 116 -8.22 16.13 2.41
CA MET I 116 -6.87 16.70 2.26
C MET I 116 -6.29 16.43 0.86
N GLN I 117 -6.52 15.22 0.34
CA GLN I 117 -6.13 14.86 -1.04
C GLN I 117 -6.84 15.72 -2.09
N ARG I 118 -8.10 16.06 -1.83
CA ARG I 118 -8.87 16.90 -2.73
C ARG I 118 -8.16 18.22 -2.99
N PHE I 119 -7.53 18.75 -1.94
CA PHE I 119 -6.88 20.05 -2.02
C PHE I 119 -5.36 20.00 -2.13
N GLY I 120 -4.84 18.79 -2.36
CA GLY I 120 -3.40 18.58 -2.59
C GLY I 120 -2.57 18.95 -1.37
N LEU I 121 -3.09 18.62 -0.19
CA LEU I 121 -2.47 19.02 1.08
C LEU I 121 -1.49 17.98 1.64
N LEU I 122 -1.50 16.76 1.08
CA LEU I 122 -0.65 15.68 1.61
C LEU I 122 0.57 15.48 0.73
N THR I 123 1.75 15.51 1.35
CA THR I 123 3.02 15.31 0.65
C THR I 123 3.64 13.97 1.06
N ASP I 124 4.14 13.23 0.07
CA ASP I 124 5.03 12.10 0.36
C ASP I 124 6.42 12.44 -0.14
N LYS I 125 7.41 12.32 0.74
CA LYS I 125 8.78 12.70 0.42
C LYS I 125 9.57 11.44 0.09
N LYS I 126 10.34 11.51 -1.00
CA LYS I 126 11.19 10.39 -1.41
C LYS I 126 12.63 10.88 -1.52
N VAL I 127 13.55 10.12 -0.92
CA VAL I 127 14.97 10.34 -1.13
C VAL I 127 15.47 9.16 -1.97
N ILE I 128 16.01 9.46 -3.15
CA ILE I 128 16.42 8.43 -4.09
C ILE I 128 17.94 8.39 -4.24
N GLU I 129 18.50 7.19 -4.11
CA GLU I 129 19.95 7.00 -4.20
C GLU I 129 20.26 5.86 -5.17
N GLY I 130 21.54 5.73 -5.51
CA GLY I 130 22.00 4.70 -6.45
C GLY I 130 22.26 5.26 -7.83
N ASP I 131 22.15 4.40 -8.83
CA ASP I 131 22.33 4.79 -10.23
C ASP I 131 21.66 3.79 -11.15
N LEU I 132 21.42 4.20 -12.40
CA LEU I 132 20.94 3.27 -13.44
C LEU I 132 21.45 3.69 -14.81
N GLY I 133 21.95 2.72 -15.58
CA GLY I 133 22.54 3.00 -16.89
C GLY I 133 22.62 1.77 -17.79
#